data_6SZ6
#
_entry.id   6SZ6
#
_cell.length_a   121.860
_cell.length_b   121.860
_cell.length_c   264.912
_cell.angle_alpha   90.000
_cell.angle_beta   90.000
_cell.angle_gamma   90.000
#
_symmetry.space_group_name_H-M   'P 41 21 2'
#
loop_
_entity.id
_entity.type
_entity.pdbx_description
1 polymer Beta-glucosidase
2 branched beta-D-mannopyranose-(1-4)-2-acetamido-2-deoxy-beta-D-glucopyranose-(1-4)-2-acetamido-2-deoxy-beta-D-glucopyranose
3 branched 2-acetamido-2-deoxy-beta-D-glucopyranose-(1-4)-2-acetamido-2-deoxy-beta-D-glucopyranose
4 branched alpha-D-mannopyranose-(1-3)-beta-D-mannopyranose-(1-4)-2-acetamido-2-deoxy-beta-D-glucopyranose-(1-4)-2-acetamido-2-deoxy-beta-D-glucopyranose
5 branched alpha-D-mannopyranose-(1-2)-alpha-D-mannopyranose-(1-6)-alpha-D-mannopyranose
6 non-polymer alpha-D-mannopyranose
7 non-polymer 2-acetamido-2-deoxy-beta-D-glucopyranose
8 non-polymer beta-D-mannopyranose
9 non-polymer beta-D-glucopyranose
10 water water
#
_entity_poly.entity_id   1
_entity_poly.type   'polypeptide(L)'
_entity_poly.pdbx_seq_one_letter_code
;WATSEPSYPSPWMNPNAAGWEQAYQWAKDFVSQMTLLEKVNLTTGVGWEGEQCVGQTGAIPRLGLRSLCLHDSPLGIRGT
DYNSAFPSGQTTAATWDRTLFYKRGYAMGKEARGKGINVLLGPVAGPLGRMPAGGRNWEGFSPDPVLTGIAMAETVKGIQ
DAGVIACAKHLIGDEQEHFRQVGDGFDIDESLSSNIDDRTMHELYLWPFADAVRAGVGSVMCAYNQVNNSYSCHNSKLLN
GLLKNELGFQGFVMSDWQAQHTGVASAVAGLDMTMPGDTVFNSGLSFWGANLTVAVLNGTLPAYRLDDMAMRIMAAFFKV
RGTQDVDLDPINFSFWTLDTYGPIHWGAKEGHQQINFHVDVREDHSRLIREIAAKGTVLLKNEGALPLDKPKFLAVIGED
AGPNHNGPNSCDDRGCVGGTLAMGWGSGTANFPYLVTPDAALQAQAIKDGSRYESVLSNHAMETIRKVVSQDNVTAVVFV
NANSGEGYITVDGNRGDRNNLTLWNGGDELIKNVASWCSNTIVVIHSVGPVLLTDWYDHPNITAILWAGLPGQESGNAIT
DVLYGKVNPAGRSPFTWGATREGYGADVLYDPDDARVPQQNFTEGVFIDYRYFDKHNTRVIYEFGHGLSYTTFEYRNLQI
QKHNVSAYIPTTGLTEPAPTFGEHSTNYSDYLYPEGFHRANRYIYPYVNSTDLELASGDPYYGQTADQFLPPNATSSDPQ
PLLRSSGKNSPGGNPQLYDVLYTVTADITNTGALEGDEVVQLYVSLGGPDDPKVMLRDFARLHIKPGETVKFEGKLTRRD
LSTWDVTLQDWVIRDHTKMVFLGKSSRKLVLGALLN
;
_entity_poly.pdbx_strand_id   A
#
# COMPACT_ATOMS: atom_id res chain seq x y z
N TRP A 1 28.84 -10.51 -2.61
CA TRP A 1 27.70 -9.98 -1.85
C TRP A 1 27.46 -8.49 -2.08
N ALA A 2 26.19 -8.09 -2.02
CA ALA A 2 25.80 -6.70 -2.25
C ALA A 2 25.96 -5.88 -0.98
N THR A 3 26.31 -4.61 -1.16
CA THR A 3 26.47 -3.70 -0.05
C THR A 3 25.63 -2.47 -0.30
N SER A 4 25.26 -1.79 0.80
CA SER A 4 24.56 -0.53 0.73
C SER A 4 25.56 0.60 0.98
N GLU A 5 25.73 1.47 -0.02
CA GLU A 5 26.67 2.57 0.08
C GLU A 5 26.15 3.61 1.08
N PRO A 6 27.04 4.36 1.73
CA PRO A 6 26.61 5.32 2.75
C PRO A 6 26.28 6.68 2.16
N SER A 7 25.17 7.26 2.64
CA SER A 7 24.75 8.61 2.29
C SER A 7 24.45 9.37 3.57
N TYR A 8 25.31 10.34 3.90
CA TYR A 8 25.21 11.10 5.14
C TYR A 8 25.59 12.54 4.87
N PRO A 9 25.22 13.48 5.76
CA PRO A 9 24.39 13.34 6.97
C PRO A 9 22.92 13.21 6.60
N SER A 10 22.06 13.05 7.60
CA SER A 10 20.64 12.86 7.32
C SER A 10 20.03 14.21 6.98
N PRO A 11 19.53 14.40 5.77
CA PRO A 11 19.02 15.72 5.37
C PRO A 11 17.96 16.25 6.32
N TRP A 12 18.07 17.53 6.64
CA TRP A 12 17.09 18.21 7.46
C TRP A 12 16.16 19.06 6.59
N MET A 13 15.00 19.40 7.15
CA MET A 13 13.92 20.02 6.38
C MET A 13 14.35 21.36 5.75
N ASN A 14 13.86 21.59 4.53
CA ASN A 14 13.99 22.88 3.85
C ASN A 14 12.81 23.77 4.27
N PRO A 15 13.05 24.97 4.79
CA PRO A 15 11.92 25.81 5.21
C PRO A 15 11.13 26.42 4.06
N ASN A 16 11.58 26.25 2.81
CA ASN A 16 10.91 26.80 1.63
C ASN A 16 10.31 25.73 0.72
N ALA A 17 10.31 24.47 1.15
CA ALA A 17 9.90 23.37 0.29
C ALA A 17 8.41 23.43 -0.04
N ALA A 18 8.08 23.29 -1.32
CA ALA A 18 6.76 22.92 -1.84
C ALA A 18 5.58 23.48 -1.06
N GLY A 19 4.78 22.59 -0.48
CA GLY A 19 3.61 22.99 0.26
C GLY A 19 3.79 22.77 1.74
N TRP A 20 5.01 22.98 2.23
CA TRP A 20 5.31 22.82 3.65
C TRP A 20 5.75 24.10 4.33
N GLU A 21 5.91 25.20 3.58
CA GLU A 21 6.51 26.42 4.14
C GLU A 21 5.84 26.82 5.45
N GLN A 22 4.50 26.80 5.46
CA GLN A 22 3.76 27.17 6.66
C GLN A 22 3.86 26.08 7.72
N ALA A 23 3.67 24.82 7.33
CA ALA A 23 3.79 23.72 8.28
C ALA A 23 5.17 23.70 8.92
N TYR A 24 6.21 24.06 8.15
CA TYR A 24 7.55 24.22 8.73
C TYR A 24 7.53 25.29 9.83
N GLN A 25 6.93 26.45 9.52
CA GLN A 25 6.94 27.55 10.48
C GLN A 25 6.22 27.17 11.76
N TRP A 26 5.07 26.50 11.64
CA TRP A 26 4.30 26.12 12.82
C TRP A 26 5.02 25.06 13.64
N ALA A 27 5.64 24.09 12.96
CA ALA A 27 6.51 23.17 13.67
C ALA A 27 7.63 23.91 14.38
N LYS A 28 8.30 24.82 13.68
CA LYS A 28 9.39 25.58 14.29
C LYS A 28 8.92 26.30 15.53
N ASP A 29 7.73 26.90 15.49
CA ASP A 29 7.21 27.59 16.67
C ASP A 29 6.77 26.62 17.76
N PHE A 30 6.62 25.33 17.44
CA PHE A 30 6.21 24.37 18.46
C PHE A 30 7.38 23.58 19.03
N VAL A 31 8.26 23.05 18.18
CA VAL A 31 9.36 22.27 18.74
C VAL A 31 10.33 23.17 19.48
N SER A 32 10.33 24.48 19.19
CA SER A 32 11.25 25.38 19.86
C SER A 32 10.99 25.43 21.36
N GLN A 33 9.77 25.13 21.79
CA GLN A 33 9.41 25.15 23.19
C GLN A 33 9.42 23.77 23.84
N MET A 34 10.12 22.79 23.27
CA MET A 34 10.11 21.42 23.77
C MET A 34 11.40 21.11 24.53
N THR A 35 11.29 20.48 25.70
CA THR A 35 12.49 19.95 26.33
C THR A 35 12.99 18.74 25.55
N LEU A 36 14.27 18.42 25.73
CA LEU A 36 14.80 17.17 25.19
C LEU A 36 13.89 16.01 25.53
N LEU A 37 13.43 15.95 26.79
CA LEU A 37 12.54 14.88 27.24
C LEU A 37 11.29 14.80 26.37
N GLU A 38 10.67 15.95 26.09
CA GLU A 38 9.47 15.97 25.27
C GLU A 38 9.76 15.56 23.83
N LYS A 39 10.92 15.93 23.29
CA LYS A 39 11.27 15.50 21.94
C LYS A 39 11.42 13.98 21.88
N VAL A 40 12.00 13.39 22.92
CA VAL A 40 12.15 11.93 22.95
C VAL A 40 10.79 11.24 23.11
N ASN A 41 9.80 11.94 23.68
CA ASN A 41 8.46 11.37 23.80
C ASN A 41 7.75 11.34 22.45
N LEU A 42 7.85 12.43 21.69
CA LEU A 42 7.21 12.48 20.38
C LEU A 42 7.84 11.52 19.39
N THR A 43 9.08 11.10 19.62
CA THR A 43 9.78 10.24 18.66
C THR A 43 9.81 8.77 19.06
N THR A 44 9.48 8.43 20.32
CA THR A 44 9.62 7.07 20.82
C THR A 44 8.26 6.54 21.24
N GLY A 45 7.87 5.39 20.66
CA GLY A 45 6.62 4.76 21.03
C GLY A 45 6.64 4.23 22.44
N VAL A 46 5.44 4.09 23.02
CA VAL A 46 5.33 3.68 24.42
C VAL A 46 5.51 2.19 24.64
N GLY A 47 5.76 1.43 23.58
CA GLY A 47 5.87 0.00 23.71
C GLY A 47 4.61 -0.72 23.25
N TRP A 48 4.78 -1.95 22.80
CA TRP A 48 3.67 -2.75 22.29
C TRP A 48 2.63 -2.96 23.38
N GLU A 49 1.37 -2.80 23.01
CA GLU A 49 0.22 -2.98 23.93
C GLU A 49 0.20 -1.92 25.04
N GLY A 50 0.89 -0.81 24.86
CA GLY A 50 0.98 0.17 25.95
C GLY A 50 -0.24 1.05 26.11
N GLU A 51 -1.00 1.26 25.04
CA GLU A 51 -2.11 2.20 25.10
C GLU A 51 -3.29 1.66 24.31
N GLN A 52 -3.98 2.51 23.55
CA GLN A 52 -5.21 2.13 22.86
C GLN A 52 -4.95 1.72 21.41
N CYS A 53 -4.35 2.61 20.61
CA CYS A 53 -4.06 2.30 19.21
C CYS A 53 -2.88 1.31 19.11
N VAL A 54 -2.70 0.77 17.90
CA VAL A 54 -1.63 -0.22 17.69
C VAL A 54 -0.26 0.40 17.84
N GLY A 55 -0.17 1.73 17.85
CA GLY A 55 1.04 2.46 18.18
C GLY A 55 0.72 3.83 18.71
N GLN A 56 1.36 4.22 19.81
CA GLN A 56 1.12 5.54 20.39
C GLN A 56 2.46 6.12 20.83
N THR A 57 2.60 7.43 20.67
CA THR A 57 3.81 8.14 21.08
C THR A 57 3.70 8.59 22.53
N GLY A 58 4.82 9.06 23.08
CA GLY A 58 4.76 9.79 24.32
C GLY A 58 3.93 11.05 24.17
N ALA A 59 3.31 11.47 25.27
CA ALA A 59 2.49 12.68 25.27
C ALA A 59 3.35 13.92 25.53
N ILE A 60 2.78 15.08 25.21
CA ILE A 60 3.42 16.32 25.59
C ILE A 60 2.38 17.15 26.34
N PRO A 61 2.15 16.85 27.63
CA PRO A 61 1.06 17.55 28.35
C PRO A 61 1.31 19.03 28.56
N ARG A 62 2.57 19.41 28.83
CA ARG A 62 2.86 20.81 29.12
C ARG A 62 2.55 21.71 27.94
N LEU A 63 2.71 21.21 26.73
CA LEU A 63 2.34 21.95 25.54
C LEU A 63 0.95 21.59 25.03
N GLY A 64 0.21 20.75 25.76
CA GLY A 64 -1.18 20.47 25.43
C GLY A 64 -1.42 19.51 24.28
N LEU A 65 -0.51 18.56 24.06
CA LEU A 65 -0.62 17.59 22.98
C LEU A 65 -0.69 16.20 23.60
N ARG A 66 -1.81 15.51 23.40
CA ARG A 66 -1.93 14.15 23.90
C ARG A 66 -1.05 13.22 23.05
N SER A 67 -0.93 11.98 23.50
CA SER A 67 -0.18 11.00 22.74
C SER A 67 -0.74 10.87 21.33
N LEU A 68 0.14 10.71 20.34
CA LEU A 68 -0.30 10.54 18.97
C LEU A 68 -0.68 9.07 18.72
N CYS A 69 -1.80 8.89 18.01
CA CYS A 69 -2.38 7.57 17.73
C CYS A 69 -2.11 7.15 16.28
N LEU A 70 -1.56 5.96 16.11
CA LEU A 70 -1.28 5.41 14.79
C LEU A 70 -1.94 4.05 14.67
N HIS A 71 -2.59 3.81 13.53
CA HIS A 71 -3.40 2.60 13.41
C HIS A 71 -3.60 2.18 11.95
N ASP A 72 -3.84 0.88 11.78
CA ASP A 72 -4.26 0.27 10.54
C ASP A 72 -5.74 0.57 10.28
N SER A 73 -6.22 0.34 9.04
CA SER A 73 -5.59 -0.37 7.93
C SER A 73 -5.63 0.46 6.63
N PRO A 74 -4.93 -0.01 5.59
CA PRO A 74 -5.05 0.63 4.27
C PRO A 74 -6.40 0.45 3.61
N LEU A 75 -7.38 -0.22 4.24
CA LEU A 75 -8.71 -0.39 3.66
C LEU A 75 -9.83 -0.19 4.67
N GLY A 76 -9.53 0.37 5.84
CA GLY A 76 -10.52 0.59 6.87
C GLY A 76 -9.88 0.44 8.24
N ILE A 77 -10.64 0.85 9.26
CA ILE A 77 -10.10 0.88 10.62
C ILE A 77 -10.09 -0.53 11.18
N ARG A 78 -8.91 -0.98 11.59
CA ARG A 78 -8.70 -2.34 12.06
C ARG A 78 -9.14 -2.50 13.51
N GLY A 79 -9.57 -3.72 13.84
CA GLY A 79 -9.73 -4.14 15.23
C GLY A 79 -10.73 -3.36 16.06
N THR A 80 -11.77 -2.80 15.44
CA THR A 80 -12.76 -2.09 16.22
C THR A 80 -14.14 -2.26 15.58
N ASP A 81 -15.14 -1.67 16.21
CA ASP A 81 -16.54 -1.83 15.85
C ASP A 81 -17.06 -0.60 15.12
N TYR A 82 -18.22 -0.76 14.48
CA TYR A 82 -18.92 0.29 13.74
C TYR A 82 -18.00 1.07 12.79
N ASN A 83 -17.00 0.39 12.23
CA ASN A 83 -16.31 0.89 11.05
C ASN A 83 -16.88 0.26 9.78
N SER A 84 -16.41 0.76 8.64
CA SER A 84 -16.67 0.13 7.33
C SER A 84 -15.48 -0.68 6.86
N ALA A 85 -15.75 -1.60 5.94
CA ALA A 85 -14.72 -2.43 5.31
C ALA A 85 -14.77 -2.12 3.82
N PHE A 86 -13.79 -1.36 3.34
CA PHE A 86 -13.71 -0.96 1.94
C PHE A 86 -13.08 -2.08 1.12
N PRO A 87 -13.26 -2.07 -0.20
CA PRO A 87 -12.58 -3.07 -1.03
C PRO A 87 -11.09 -2.80 -1.06
N SER A 88 -10.33 -3.87 -1.32
CA SER A 88 -8.87 -3.80 -1.27
C SER A 88 -8.31 -2.74 -2.22
N GLY A 89 -7.06 -2.36 -1.96
CA GLY A 89 -6.38 -1.45 -2.86
C GLY A 89 -6.17 -2.06 -4.24
N GLN A 90 -5.88 -3.36 -4.29
CA GLN A 90 -5.78 -4.04 -5.57
C GLN A 90 -7.07 -3.91 -6.38
N THR A 91 -8.21 -4.24 -5.75
CA THR A 91 -9.50 -4.10 -6.42
C THR A 91 -9.81 -2.64 -6.75
N THR A 92 -9.51 -1.73 -5.82
CA THR A 92 -9.68 -0.30 -6.11
C THR A 92 -8.88 0.10 -7.33
N ALA A 93 -7.64 -0.39 -7.43
CA ALA A 93 -6.84 -0.11 -8.61
C ALA A 93 -7.56 -0.58 -9.87
N ALA A 94 -8.24 -1.72 -9.78
CA ALA A 94 -8.91 -2.29 -10.95
C ALA A 94 -9.98 -1.38 -11.51
N THR A 95 -10.46 -0.39 -10.73
CA THR A 95 -11.39 0.58 -11.29
C THR A 95 -10.70 1.54 -12.24
N TRP A 96 -9.39 1.75 -12.10
CA TRP A 96 -8.64 2.71 -12.90
C TRP A 96 -9.29 4.10 -12.87
N ASP A 97 -9.92 4.45 -11.75
CA ASP A 97 -10.66 5.71 -11.63
C ASP A 97 -10.04 6.53 -10.51
N ARG A 98 -9.38 7.63 -10.88
CA ARG A 98 -8.75 8.50 -9.89
C ARG A 98 -9.79 9.04 -8.91
N THR A 99 -10.96 9.43 -9.42
CA THR A 99 -12.03 9.89 -8.55
C THR A 99 -12.34 8.87 -7.47
N LEU A 100 -12.33 7.59 -7.81
CA LEU A 100 -12.63 6.60 -6.79
C LEU A 100 -11.45 6.35 -5.88
N PHE A 101 -10.23 6.44 -6.41
CA PHE A 101 -9.02 6.43 -5.57
C PHE A 101 -9.15 7.45 -4.45
N TYR A 102 -9.49 8.69 -4.83
CA TYR A 102 -9.58 9.78 -3.86
C TYR A 102 -10.75 9.60 -2.91
N LYS A 103 -11.93 9.30 -3.46
CA LYS A 103 -13.13 9.16 -2.63
C LYS A 103 -12.95 8.07 -1.58
N ARG A 104 -12.31 6.96 -1.94
CA ARG A 104 -12.01 5.92 -0.96
C ARG A 104 -11.08 6.44 0.12
N GLY A 105 -10.09 7.26 -0.27
CA GLY A 105 -9.15 7.81 0.68
C GLY A 105 -9.82 8.74 1.66
N TYR A 106 -10.48 9.78 1.13
CA TYR A 106 -11.21 10.71 1.98
C TYR A 106 -12.20 9.97 2.85
N ALA A 107 -12.82 8.92 2.30
CA ALA A 107 -13.73 8.09 3.07
C ALA A 107 -13.01 7.43 4.24
N MET A 108 -11.96 6.67 3.95
CA MET A 108 -11.21 6.00 5.01
C MET A 108 -10.68 7.01 6.04
N GLY A 109 -10.11 8.12 5.55
CA GLY A 109 -9.58 9.11 6.47
C GLY A 109 -10.64 9.63 7.43
N LYS A 110 -11.83 9.91 6.92
CA LYS A 110 -12.87 10.47 7.77
C LYS A 110 -13.24 9.51 8.88
N GLU A 111 -13.22 8.20 8.60
CA GLU A 111 -13.50 7.25 9.65
C GLU A 111 -12.37 7.22 10.67
N ALA A 112 -11.12 7.18 10.19
CA ALA A 112 -9.99 7.17 11.13
C ALA A 112 -10.05 8.37 12.05
N ARG A 113 -10.35 9.55 11.49
CA ARG A 113 -10.50 10.76 12.29
C ARG A 113 -11.60 10.59 13.33
N GLY A 114 -12.78 10.11 12.90
CA GLY A 114 -13.89 9.95 13.82
C GLY A 114 -13.57 9.05 15.00
N LYS A 115 -12.61 8.14 14.85
CA LYS A 115 -12.18 7.30 15.97
C LYS A 115 -11.15 7.99 16.86
N GLY A 116 -10.53 9.07 16.39
CA GLY A 116 -9.41 9.69 17.08
C GLY A 116 -8.05 9.28 16.59
N ILE A 117 -7.96 8.58 15.46
CA ILE A 117 -6.66 8.22 14.90
C ILE A 117 -6.03 9.46 14.28
N ASN A 118 -4.70 9.60 14.45
CA ASN A 118 -4.00 10.74 13.88
C ASN A 118 -3.14 10.38 12.68
N VAL A 119 -2.75 9.12 12.54
CA VAL A 119 -1.97 8.62 11.41
C VAL A 119 -2.64 7.33 10.92
N LEU A 120 -3.15 7.35 9.70
CA LEU A 120 -3.64 6.14 9.06
C LEU A 120 -2.50 5.41 8.35
N LEU A 121 -2.30 4.14 8.69
CA LEU A 121 -1.15 3.38 8.20
C LEU A 121 -1.40 2.81 6.80
N GLY A 122 -1.58 3.73 5.85
CA GLY A 122 -1.79 3.40 4.46
C GLY A 122 -1.65 4.66 3.62
N PRO A 123 -1.64 4.53 2.29
CA PRO A 123 -1.73 3.36 1.40
C PRO A 123 -0.39 2.70 1.08
N VAL A 124 -0.42 1.67 0.23
CA VAL A 124 0.68 0.72 0.09
C VAL A 124 1.24 0.80 -1.32
N ALA A 125 2.57 0.91 -1.43
CA ALA A 125 3.28 0.74 -2.70
C ALA A 125 4.39 -0.27 -2.59
N GLY A 126 4.64 -0.79 -1.40
CA GLY A 126 5.57 -1.86 -1.18
C GLY A 126 4.84 -2.85 -0.29
N PRO A 127 4.58 -4.05 -0.81
CA PRO A 127 5.09 -4.53 -2.10
C PRO A 127 4.43 -3.90 -3.34
N LEU A 128 5.22 -3.75 -4.38
CA LEU A 128 4.65 -3.33 -5.65
C LEU A 128 3.95 -4.50 -6.33
N GLY A 129 4.54 -5.69 -6.24
CA GLY A 129 3.97 -6.88 -6.83
C GLY A 129 4.96 -7.62 -7.71
N ARG A 130 6.16 -7.87 -7.18
CA ARG A 130 7.20 -8.49 -8.01
C ARG A 130 6.85 -9.93 -8.34
N MET A 131 6.17 -10.63 -7.43
CA MET A 131 5.78 -12.00 -7.68
C MET A 131 4.30 -12.21 -7.37
N PRO A 132 3.56 -12.91 -8.24
CA PRO A 132 2.11 -13.02 -8.05
C PRO A 132 1.73 -13.69 -6.75
N ALA A 133 2.55 -14.63 -6.27
CA ALA A 133 2.30 -15.37 -5.04
C ALA A 133 2.64 -14.59 -3.77
N GLY A 134 3.06 -13.33 -3.88
CA GLY A 134 3.40 -12.56 -2.70
C GLY A 134 2.19 -12.41 -1.78
N GLY A 135 2.45 -12.50 -0.48
CA GLY A 135 1.35 -12.60 0.46
C GLY A 135 0.51 -11.35 0.56
N ARG A 136 1.08 -10.18 0.28
CA ARG A 136 0.44 -8.92 0.61
C ARG A 136 0.16 -8.04 -0.59
N ASN A 137 0.52 -8.47 -1.80
CA ASN A 137 0.41 -7.58 -2.96
C ASN A 137 -1.01 -7.03 -3.10
N TRP A 138 -2.00 -7.75 -2.59
CA TRP A 138 -3.37 -7.27 -2.65
C TRP A 138 -3.58 -6.00 -1.85
N GLU A 139 -2.75 -5.75 -0.82
CA GLU A 139 -2.85 -4.49 -0.07
C GLU A 139 -2.45 -3.29 -0.93
N GLY A 140 -1.61 -3.51 -1.95
CA GLY A 140 -1.09 -2.45 -2.78
C GLY A 140 -2.06 -1.95 -3.83
N PHE A 141 -1.62 -1.86 -5.08
CA PHE A 141 -2.53 -1.48 -6.15
C PHE A 141 -2.27 -2.33 -7.39
N SER A 142 -1.07 -2.22 -7.95
CA SER A 142 -0.70 -2.91 -9.18
C SER A 142 0.78 -3.19 -9.16
N PRO A 143 1.22 -4.29 -9.78
CA PRO A 143 2.66 -4.42 -10.07
C PRO A 143 3.16 -3.30 -10.95
N ASP A 144 2.25 -2.54 -11.57
CA ASP A 144 2.66 -1.49 -12.50
C ASP A 144 2.91 -0.20 -11.73
N PRO A 145 4.02 0.49 -12.02
CA PRO A 145 4.36 1.69 -11.24
C PRO A 145 3.45 2.88 -11.50
N VAL A 146 3.06 3.10 -12.76
CA VAL A 146 2.28 4.30 -13.09
C VAL A 146 0.89 4.22 -12.47
N LEU A 147 0.18 3.10 -12.69
CA LEU A 147 -1.13 2.94 -12.08
C LEU A 147 -1.04 3.01 -10.56
N THR A 148 -0.01 2.40 -9.96
CA THR A 148 0.14 2.43 -8.51
C THR A 148 0.46 3.83 -8.02
N GLY A 149 1.40 4.51 -8.68
CA GLY A 149 1.73 5.86 -8.28
C GLY A 149 0.54 6.80 -8.34
N ILE A 150 -0.23 6.73 -9.43
CA ILE A 150 -1.45 7.51 -9.53
C ILE A 150 -2.38 7.15 -8.39
N ALA A 151 -2.61 5.86 -8.17
CA ALA A 151 -3.50 5.45 -7.09
C ALA A 151 -3.02 5.93 -5.73
N MET A 152 -1.70 6.08 -5.57
CA MET A 152 -1.16 6.52 -4.29
C MET A 152 -1.35 8.02 -4.08
N ALA A 153 -0.91 8.82 -5.04
CA ALA A 153 -1.17 10.25 -4.99
C ALA A 153 -2.64 10.53 -4.69
N GLU A 154 -3.55 9.82 -5.36
CA GLU A 154 -4.96 10.12 -5.21
C GLU A 154 -5.48 9.64 -3.86
N THR A 155 -5.05 8.46 -3.41
CA THR A 155 -5.51 7.99 -2.11
C THR A 155 -4.91 8.82 -0.99
N VAL A 156 -3.63 9.19 -1.09
CA VAL A 156 -3.01 10.02 -0.07
C VAL A 156 -3.71 11.36 0.01
N LYS A 157 -3.93 12.02 -1.15
CA LYS A 157 -4.64 13.30 -1.17
C LYS A 157 -6.00 13.19 -0.50
N GLY A 158 -6.71 12.07 -0.71
CA GLY A 158 -7.96 11.82 -0.03
C GLY A 158 -7.82 11.69 1.49
N ILE A 159 -6.98 10.75 1.93
CA ILE A 159 -6.81 10.50 3.36
C ILE A 159 -6.53 11.80 4.09
N GLN A 160 -5.69 12.65 3.51
CA GLN A 160 -5.20 13.82 4.23
C GLN A 160 -6.12 15.03 4.13
N ASP A 161 -7.02 15.09 3.15
CA ASP A 161 -8.01 16.16 3.16
C ASP A 161 -9.10 15.94 4.21
N ALA A 162 -9.01 14.84 4.98
CA ALA A 162 -10.10 14.42 5.86
C ALA A 162 -10.13 15.16 7.20
N GLY A 163 -9.03 15.21 7.96
CA GLY A 163 -7.70 14.90 7.53
C GLY A 163 -6.77 14.34 8.59
N VAL A 164 -6.38 13.09 8.37
CA VAL A 164 -5.40 12.43 9.19
C VAL A 164 -4.11 12.33 8.38
N ILE A 165 -3.02 11.97 9.04
CA ILE A 165 -1.75 11.82 8.35
C ILE A 165 -1.75 10.48 7.62
N ALA A 166 -1.37 10.50 6.35
CA ALA A 166 -1.23 9.29 5.57
C ALA A 166 0.21 8.75 5.65
N CYS A 167 0.36 7.46 5.42
CA CYS A 167 1.65 6.79 5.55
C CYS A 167 1.91 5.89 4.33
N ALA A 168 2.80 6.34 3.44
CA ALA A 168 3.32 5.49 2.39
C ALA A 168 4.01 4.29 3.01
N LYS A 169 3.48 3.09 2.79
CA LYS A 169 3.73 1.94 3.65
C LYS A 169 4.70 0.94 3.02
N HIS A 170 5.70 0.56 3.82
CA HIS A 170 6.77 -0.39 3.51
C HIS A 170 7.68 0.13 2.42
N LEU A 171 8.73 0.88 2.81
CA LEU A 171 9.64 1.48 1.86
C LEU A 171 10.65 0.45 1.40
N ILE A 172 10.23 -0.31 0.37
CA ILE A 172 11.03 -0.82 -0.75
C ILE A 172 11.78 -2.10 -0.41
N GLY A 173 11.77 -3.05 -1.37
CA GLY A 173 11.95 -4.45 -1.14
C GLY A 173 10.65 -4.92 -0.54
N ASP A 174 10.73 -6.04 0.20
CA ASP A 174 9.55 -6.62 0.86
C ASP A 174 8.51 -7.08 -0.14
N GLU A 175 8.96 -7.56 -1.30
CA GLU A 175 8.04 -8.08 -2.27
C GLU A 175 7.55 -9.50 -1.92
N GLN A 176 7.84 -9.95 -0.71
CA GLN A 176 7.59 -11.31 -0.25
C GLN A 176 7.48 -11.31 1.27
N GLU A 177 6.71 -12.25 1.82
CA GLU A 177 6.46 -12.32 3.25
C GLU A 177 7.23 -13.42 3.97
N HIS A 178 7.94 -14.29 3.24
CA HIS A 178 8.84 -15.26 3.86
C HIS A 178 10.13 -14.55 4.26
N PHE A 179 10.63 -14.87 5.45
CA PHE A 179 11.91 -14.39 5.98
C PHE A 179 11.94 -12.87 6.18
N ARG A 180 10.76 -12.25 6.29
CA ARG A 180 10.73 -10.80 6.48
C ARG A 180 11.35 -10.43 7.82
N GLN A 181 11.16 -11.26 8.85
CA GLN A 181 11.83 -11.17 10.13
C GLN A 181 12.57 -12.47 10.39
N VAL A 182 13.13 -12.62 11.57
CA VAL A 182 13.93 -13.79 11.88
C VAL A 182 13.14 -14.73 12.78
N GLY A 183 13.61 -15.98 12.89
CA GLY A 183 12.92 -16.95 13.71
C GLY A 183 11.65 -17.47 13.05
N ASP A 184 10.62 -17.68 13.87
CA ASP A 184 9.30 -18.13 13.39
C ASP A 184 9.40 -19.44 12.59
N GLY A 185 10.33 -20.31 12.97
CA GLY A 185 10.46 -21.63 12.38
C GLY A 185 11.69 -21.81 11.52
N PHE A 186 12.40 -20.75 11.18
CA PHE A 186 13.54 -20.80 10.28
C PHE A 186 14.82 -20.40 11.00
N ASP A 187 15.93 -20.97 10.56
CA ASP A 187 17.24 -20.70 11.17
C ASP A 187 17.98 -19.70 10.28
N ILE A 188 17.64 -18.43 10.43
CA ILE A 188 18.28 -17.35 9.68
C ILE A 188 18.72 -16.29 10.67
N ASP A 189 19.94 -15.77 10.50
CA ASP A 189 20.51 -14.83 11.46
C ASP A 189 19.96 -13.43 11.28
N GLU A 190 19.60 -13.04 10.06
CA GLU A 190 19.03 -11.74 9.79
C GLU A 190 17.91 -11.89 8.78
N SER A 191 17.14 -10.81 8.60
CA SER A 191 16.04 -10.83 7.65
C SER A 191 16.57 -10.85 6.21
N LEU A 192 15.70 -11.27 5.30
CA LEU A 192 16.06 -11.36 3.89
C LEU A 192 16.51 -10.00 3.35
N SER A 193 17.55 -10.02 2.53
CA SER A 193 17.97 -8.85 1.78
C SER A 193 17.49 -8.99 0.34
N SER A 194 16.63 -8.08 -0.09
CA SER A 194 16.38 -7.95 -1.53
C SER A 194 17.32 -6.90 -2.07
N ASN A 195 18.07 -7.25 -3.11
CA ASN A 195 19.14 -6.42 -3.65
C ASN A 195 18.70 -5.86 -5.00
N ILE A 196 18.66 -4.54 -5.08
CA ILE A 196 18.08 -3.84 -6.22
C ILE A 196 19.12 -2.89 -6.79
N ASP A 197 19.45 -3.07 -8.06
CA ASP A 197 20.38 -2.17 -8.71
C ASP A 197 19.71 -0.80 -8.95
N ASP A 198 20.56 0.20 -9.19
CA ASP A 198 20.14 1.59 -9.10
C ASP A 198 19.07 1.95 -10.13
N ARG A 199 19.25 1.52 -11.39
CA ARG A 199 18.27 1.83 -12.43
C ARG A 199 16.92 1.23 -12.10
N THR A 200 16.90 -0.04 -11.68
CA THR A 200 15.65 -0.66 -11.29
C THR A 200 14.95 0.13 -10.19
N MET A 201 15.71 0.57 -9.18
CA MET A 201 15.11 1.29 -8.06
C MET A 201 14.41 2.55 -8.51
N HIS A 202 15.01 3.27 -9.46
CA HIS A 202 14.50 4.60 -9.78
C HIS A 202 13.24 4.54 -10.64
N GLU A 203 13.16 3.60 -11.60
CA GLU A 203 12.03 3.56 -12.53
C GLU A 203 11.10 2.36 -12.31
N LEU A 204 11.16 1.73 -11.14
CA LEU A 204 10.14 0.74 -10.80
C LEU A 204 9.61 0.94 -9.39
N TYR A 205 10.35 0.50 -8.38
CA TYR A 205 9.78 0.40 -7.04
C TYR A 205 9.69 1.76 -6.34
N LEU A 206 10.67 2.65 -6.56
CA LEU A 206 10.62 3.98 -5.93
C LEU A 206 9.65 4.91 -6.65
N TRP A 207 9.45 4.71 -7.96
CA TRP A 207 8.53 5.51 -8.76
C TRP A 207 7.22 5.87 -8.05
N PRO A 208 6.45 4.92 -7.49
CA PRO A 208 5.20 5.33 -6.84
C PRO A 208 5.44 6.18 -5.60
N PHE A 209 6.50 5.91 -4.84
CA PHE A 209 6.76 6.69 -3.63
C PHE A 209 7.08 8.14 -3.98
N ALA A 210 7.89 8.35 -5.01
CA ALA A 210 8.03 9.67 -5.60
C ALA A 210 6.68 10.36 -5.73
N ASP A 211 5.69 9.65 -6.27
CA ASP A 211 4.36 10.23 -6.47
C ASP A 211 3.71 10.56 -5.14
N ALA A 212 3.93 9.72 -4.12
CA ALA A 212 3.38 9.98 -2.80
C ALA A 212 4.11 11.16 -2.15
N VAL A 213 5.42 11.22 -2.32
CA VAL A 213 6.17 12.39 -1.84
C VAL A 213 5.66 13.65 -2.51
N ARG A 214 5.49 13.60 -3.83
CA ARG A 214 5.06 14.78 -4.57
C ARG A 214 3.61 15.15 -4.25
N ALA A 215 2.83 14.20 -3.73
CA ALA A 215 1.45 14.51 -3.37
C ALA A 215 1.36 15.11 -1.97
N GLY A 216 2.40 15.00 -1.16
CA GLY A 216 2.44 15.57 0.15
C GLY A 216 2.22 14.60 1.30
N VAL A 217 2.49 13.32 1.10
CA VAL A 217 2.29 12.36 2.18
C VAL A 217 3.11 12.78 3.39
N GLY A 218 2.50 12.69 4.57
CA GLY A 218 3.13 13.15 5.80
C GLY A 218 4.11 12.17 6.41
N SER A 219 3.90 10.88 6.19
CA SER A 219 4.80 9.89 6.78
C SER A 219 5.08 8.80 5.77
N VAL A 220 6.14 8.05 6.06
CA VAL A 220 6.59 6.89 5.29
C VAL A 220 7.03 5.84 6.31
N MET A 221 6.68 4.59 6.05
CA MET A 221 7.09 3.49 6.89
C MET A 221 8.20 2.70 6.19
N CYS A 222 9.29 2.40 6.91
CA CYS A 222 10.29 1.49 6.36
C CYS A 222 9.99 0.04 6.72
N ALA A 223 10.52 -0.87 5.90
CA ALA A 223 10.07 -2.26 5.89
C ALA A 223 11.01 -3.16 6.70
N TYR A 224 10.56 -4.40 6.93
CA TYR A 224 11.34 -5.35 7.72
C TYR A 224 12.57 -5.86 6.98
N ASN A 225 12.51 -5.91 5.65
CA ASN A 225 13.61 -6.51 4.90
C ASN A 225 14.82 -5.58 4.88
N GLN A 226 15.97 -6.16 4.52
CA GLN A 226 17.14 -5.37 4.17
C GLN A 226 17.16 -5.12 2.67
N VAL A 227 17.92 -4.10 2.28
CA VAL A 227 18.18 -3.77 0.88
C VAL A 227 19.69 -3.66 0.77
N ASN A 228 20.31 -4.58 0.01
CA ASN A 228 21.77 -4.69 -0.05
C ASN A 228 22.37 -4.96 1.33
N ASN A 229 21.66 -5.73 2.15
CA ASN A 229 22.14 -6.17 3.46
C ASN A 229 22.30 -5.03 4.45
N SER A 230 21.34 -4.11 4.47
CA SER A 230 21.15 -3.29 5.65
C SER A 230 19.67 -2.97 5.73
N TYR A 231 19.07 -3.20 6.91
CA TYR A 231 17.64 -3.04 7.08
C TYR A 231 17.17 -1.69 6.57
N SER A 232 15.97 -1.68 5.99
CA SER A 232 15.46 -0.45 5.38
C SER A 232 15.39 0.69 6.39
N CYS A 233 15.21 0.35 7.66
CA CYS A 233 15.18 1.31 8.76
C CYS A 233 16.56 1.70 9.26
N HIS A 234 17.63 1.09 8.74
CA HIS A 234 19.00 1.53 9.01
C HIS A 234 19.73 1.87 7.72
N ASN A 235 19.03 2.17 6.63
CA ASN A 235 19.62 2.24 5.29
C ASN A 235 19.89 3.69 4.90
N SER A 236 21.18 4.02 4.66
CA SER A 236 21.53 5.40 4.30
C SER A 236 21.04 5.74 2.89
N LYS A 237 21.39 4.92 1.89
CA LYS A 237 21.05 5.26 0.52
C LYS A 237 19.55 5.34 0.33
N LEU A 238 18.78 4.56 1.08
CA LEU A 238 17.33 4.52 0.93
C LEU A 238 16.67 5.69 1.64
N LEU A 239 16.89 5.80 2.96
CA LEU A 239 16.19 6.81 3.76
C LEU A 239 16.80 8.19 3.56
N ASN A 240 18.14 8.29 3.59
CA ASN A 240 18.78 9.59 3.40
C ASN A 240 19.02 9.91 1.93
N GLY A 241 19.65 8.99 1.19
CA GLY A 241 20.09 9.31 -0.17
C GLY A 241 18.95 9.41 -1.17
N LEU A 242 17.94 8.54 -1.06
CA LEU A 242 16.85 8.47 -2.04
C LEU A 242 15.64 9.29 -1.61
N LEU A 243 15.09 9.01 -0.41
CA LEU A 243 13.82 9.59 0.00
C LEU A 243 13.97 11.05 0.42
N LYS A 244 14.86 11.33 1.39
CA LYS A 244 15.02 12.67 1.95
C LYS A 244 15.98 13.56 1.15
N ASN A 245 16.87 12.97 0.35
CA ASN A 245 17.82 13.73 -0.45
C ASN A 245 17.24 14.04 -1.83
N GLU A 246 17.10 13.01 -2.67
CA GLU A 246 16.68 13.20 -4.06
C GLU A 246 15.21 13.63 -4.16
N LEU A 247 14.30 12.84 -3.60
CA LEU A 247 12.91 13.23 -3.67
C LEU A 247 12.59 14.40 -2.76
N GLY A 248 13.46 14.72 -1.81
CA GLY A 248 13.26 15.86 -0.93
C GLY A 248 12.11 15.71 0.06
N PHE A 249 11.81 14.47 0.48
CA PHE A 249 10.69 14.21 1.38
C PHE A 249 10.80 15.04 2.66
N GLN A 250 9.71 15.72 3.00
CA GLN A 250 9.71 16.64 4.11
C GLN A 250 9.13 16.06 5.40
N GLY A 251 8.40 14.96 5.33
CA GLY A 251 7.72 14.40 6.49
C GLY A 251 8.60 13.44 7.28
N PHE A 252 7.98 12.77 8.24
CA PHE A 252 8.70 11.88 9.14
C PHE A 252 8.60 10.43 8.67
N VAL A 253 9.62 9.64 9.04
CA VAL A 253 9.73 8.24 8.68
C VAL A 253 9.60 7.39 9.93
N MET A 254 8.60 6.51 9.95
CA MET A 254 8.37 5.61 11.06
C MET A 254 8.81 4.21 10.70
N SER A 255 9.04 3.39 11.72
CA SER A 255 9.46 2.02 11.52
C SER A 255 8.26 1.09 11.45
N ASP A 256 8.42 -0.01 10.73
CA ASP A 256 7.49 -1.11 10.92
C ASP A 256 7.70 -1.73 12.29
N TRP A 257 6.64 -2.28 12.86
CA TRP A 257 6.68 -2.74 14.24
C TRP A 257 7.77 -3.77 14.48
N GLN A 258 8.76 -3.41 15.31
CA GLN A 258 9.96 -4.22 15.60
C GLN A 258 10.89 -4.33 14.39
N ALA A 259 10.82 -3.37 13.46
CA ALA A 259 11.76 -3.33 12.35
C ALA A 259 13.05 -2.60 12.69
N GLN A 260 13.08 -1.86 13.80
CA GLN A 260 14.28 -1.17 14.24
C GLN A 260 15.10 -2.10 15.14
N HIS A 261 16.39 -2.25 14.82
CA HIS A 261 17.27 -3.10 15.60
C HIS A 261 18.49 -2.37 16.14
N THR A 262 18.63 -1.08 15.90
CA THR A 262 19.73 -0.31 16.47
C THR A 262 19.23 1.09 16.80
N GLY A 263 19.87 1.73 17.77
CA GLY A 263 19.39 3.00 18.28
C GLY A 263 19.90 4.22 17.54
N VAL A 264 21.17 4.59 17.81
CA VAL A 264 21.71 5.84 17.28
C VAL A 264 22.00 5.72 15.79
N ALA A 265 22.58 4.60 15.37
CA ALA A 265 22.89 4.41 13.95
C ALA A 265 21.62 4.50 13.09
N SER A 266 20.48 4.06 13.62
CA SER A 266 19.24 4.16 12.86
C SER A 266 18.75 5.61 12.77
N ALA A 267 19.04 6.41 13.79
CA ALA A 267 18.58 7.79 13.84
C ALA A 267 19.22 8.62 12.73
N VAL A 268 20.53 8.47 12.55
CA VAL A 268 21.23 9.22 11.52
C VAL A 268 21.05 8.60 10.14
N ALA A 269 20.71 7.31 10.07
CA ALA A 269 20.34 6.67 8.81
C ALA A 269 19.10 7.31 8.21
N GLY A 270 18.20 7.82 9.06
CA GLY A 270 17.08 8.62 8.57
C GLY A 270 15.78 8.39 9.31
N LEU A 271 15.79 7.46 10.26
CA LEU A 271 14.58 7.09 10.98
C LEU A 271 14.20 8.19 11.97
N ASP A 272 12.95 8.65 11.87
CA ASP A 272 12.47 9.74 12.71
C ASP A 272 11.66 9.28 13.92
N MET A 273 11.08 8.09 13.86
CA MET A 273 10.16 7.65 14.90
C MET A 273 10.15 6.13 14.92
N THR A 274 10.32 5.54 16.10
CA THR A 274 10.38 4.09 16.27
C THR A 274 9.09 3.58 16.91
N MET A 275 8.66 2.39 16.46
CA MET A 275 7.31 1.88 16.73
C MET A 275 7.29 0.36 16.80
N PRO A 276 6.56 -0.22 17.76
CA PRO A 276 5.80 0.49 18.80
C PRO A 276 6.66 1.02 19.97
N GLY A 277 8.00 0.99 19.84
CA GLY A 277 8.89 1.64 20.78
C GLY A 277 9.87 0.70 21.45
N ASP A 278 9.47 -0.54 21.72
CA ASP A 278 10.36 -1.49 22.35
C ASP A 278 11.57 -1.79 21.47
N THR A 279 12.58 -2.41 22.07
CA THR A 279 13.50 -3.21 21.26
C THR A 279 12.72 -4.33 20.59
N VAL A 280 11.90 -5.02 21.37
CA VAL A 280 11.10 -6.16 20.97
C VAL A 280 9.81 -6.13 21.79
N PHE A 281 8.70 -6.54 21.18
CA PHE A 281 7.41 -6.57 21.84
C PHE A 281 7.50 -6.99 23.30
N ASN A 282 7.01 -6.13 24.20
CA ASN A 282 6.87 -6.39 25.64
C ASN A 282 8.20 -6.48 26.37
N SER A 283 9.31 -6.05 25.76
CA SER A 283 10.61 -6.15 26.39
C SER A 283 10.88 -5.06 27.41
N GLY A 284 10.14 -3.95 27.35
CA GLY A 284 10.35 -2.85 28.29
C GLY A 284 11.58 -2.01 28.06
N LEU A 285 12.38 -2.30 27.04
CA LEU A 285 13.58 -1.54 26.71
C LEU A 285 13.47 -0.96 25.31
N SER A 286 14.13 0.18 25.09
CA SER A 286 14.04 0.89 23.82
C SER A 286 15.42 1.19 23.25
N PHE A 287 15.55 1.10 21.93
CA PHE A 287 16.73 1.65 21.26
C PHE A 287 16.71 3.17 21.30
N TRP A 288 15.52 3.75 21.40
CA TRP A 288 15.43 5.17 21.70
C TRP A 288 14.91 5.29 23.12
N GLY A 289 14.01 6.22 23.37
CA GLY A 289 13.61 6.45 24.75
C GLY A 289 14.79 6.95 25.58
N ALA A 290 14.99 6.30 26.73
CA ALA A 290 16.10 6.66 27.60
C ALA A 290 17.43 6.68 26.83
N ASN A 291 17.63 5.70 25.94
CA ASN A 291 18.83 5.67 25.11
C ASN A 291 18.92 6.92 24.26
N LEU A 292 17.79 7.40 23.74
CA LEU A 292 17.80 8.58 22.88
C LEU A 292 18.25 9.81 23.64
N THR A 293 17.75 9.99 24.88
CA THR A 293 18.16 11.16 25.66
C THR A 293 19.65 11.10 26.02
N VAL A 294 20.15 9.94 26.46
CA VAL A 294 21.57 9.89 26.79
C VAL A 294 22.41 10.04 25.55
N ALA A 295 21.85 9.77 24.36
CA ALA A 295 22.62 9.92 23.14
C ALA A 295 22.91 11.38 22.85
N VAL A 296 21.89 12.23 22.98
CA VAL A 296 22.11 13.66 22.89
C VAL A 296 23.03 14.13 24.01
N LEU A 297 22.75 13.66 25.24
CA LEU A 297 23.42 14.18 26.42
C LEU A 297 24.91 13.86 26.43
N ASN A 298 25.31 12.70 25.91
CA ASN A 298 26.73 12.36 25.87
C ASN A 298 27.40 12.81 24.57
N GLY A 299 26.69 13.53 23.71
CA GLY A 299 27.30 14.24 22.61
C GLY A 299 27.32 13.52 21.28
N THR A 300 27.09 12.21 21.23
CA THR A 300 27.34 11.51 19.97
C THR A 300 26.18 11.62 18.98
N LEU A 301 24.96 11.85 19.45
CA LEU A 301 23.89 12.20 18.51
C LEU A 301 23.70 13.70 18.50
N PRO A 302 23.92 14.37 17.37
CA PRO A 302 23.84 15.82 17.33
C PRO A 302 22.43 16.30 17.65
N ALA A 303 22.36 17.46 18.31
CA ALA A 303 21.06 18.01 18.71
C ALA A 303 20.19 18.32 17.50
N TYR A 304 20.79 18.72 16.39
CA TYR A 304 20.00 19.12 15.22
C TYR A 304 19.17 17.96 14.68
N ARG A 305 19.65 16.73 14.85
CA ARG A 305 19.00 15.57 14.27
C ARG A 305 17.71 15.23 15.01
N LEU A 306 17.71 15.32 16.34
CA LEU A 306 16.48 15.06 17.09
C LEU A 306 15.48 16.20 16.91
N ASP A 307 15.96 17.42 16.68
CA ASP A 307 15.05 18.51 16.35
C ASP A 307 14.41 18.30 14.98
N ASP A 308 15.19 17.82 14.02
CA ASP A 308 14.63 17.45 12.73
C ASP A 308 13.55 16.38 12.88
N MET A 309 13.86 15.32 13.62
CA MET A 309 12.86 14.28 13.90
C MET A 309 11.58 14.88 14.43
N ALA A 310 11.71 15.80 15.40
CA ALA A 310 10.53 16.46 15.94
C ALA A 310 9.91 17.37 14.90
N MET A 311 10.74 18.13 14.18
CA MET A 311 10.24 19.02 13.14
C MET A 311 9.38 18.28 12.13
N ARG A 312 9.82 17.10 11.70
CA ARG A 312 9.11 16.34 10.68
C ARG A 312 7.75 15.86 11.18
N ILE A 313 7.73 15.20 12.34
CA ILE A 313 6.47 14.74 12.93
C ILE A 313 5.49 15.91 13.06
N MET A 314 5.95 17.01 13.66
CA MET A 314 5.04 18.11 13.91
C MET A 314 4.68 18.86 12.62
N ALA A 315 5.57 18.85 11.63
CA ALA A 315 5.25 19.49 10.36
C ALA A 315 4.14 18.73 9.64
N ALA A 316 4.28 17.40 9.56
CA ALA A 316 3.21 16.56 9.04
C ALA A 316 1.89 16.87 9.73
N PHE A 317 1.89 16.79 11.06
CA PHE A 317 0.71 17.10 11.86
C PHE A 317 0.10 18.45 11.45
N PHE A 318 0.95 19.47 11.30
CA PHE A 318 0.46 20.80 10.95
C PHE A 318 0.14 20.94 9.48
N LYS A 319 0.76 20.14 8.61
CA LYS A 319 0.46 20.22 7.18
C LYS A 319 -0.98 19.79 6.91
N VAL A 320 -1.38 18.61 7.43
CA VAL A 320 -2.79 18.25 7.53
C VAL A 320 -3.38 19.16 8.60
N ARG A 321 -4.64 18.94 8.96
CA ARG A 321 -5.25 19.72 10.05
C ARG A 321 -5.35 21.22 9.72
N GLY A 322 -4.25 21.85 9.31
CA GLY A 322 -4.29 23.17 8.71
C GLY A 322 -4.50 24.34 9.66
N THR A 323 -4.58 24.09 10.95
CA THR A 323 -4.65 25.15 11.95
C THR A 323 -3.49 24.99 12.92
N GLN A 324 -3.09 26.10 13.55
CA GLN A 324 -1.97 26.01 14.48
C GLN A 324 -2.37 25.31 15.78
N ASP A 325 -3.65 25.04 15.98
CA ASP A 325 -4.11 24.29 17.13
C ASP A 325 -3.38 22.94 17.25
N VAL A 326 -3.09 22.53 18.48
CA VAL A 326 -2.94 21.11 18.78
C VAL A 326 -4.31 20.69 19.29
N ASP A 327 -4.39 19.91 20.38
CA ASP A 327 -5.66 19.71 21.05
C ASP A 327 -6.66 18.89 20.21
N LEU A 328 -6.75 17.61 20.52
CA LEU A 328 -7.42 16.63 19.71
C LEU A 328 -8.59 16.03 20.48
N ASP A 329 -9.51 15.39 19.75
CA ASP A 329 -10.56 14.62 20.39
C ASP A 329 -9.95 13.36 21.03
N PRO A 330 -10.61 12.82 22.05
CA PRO A 330 -10.12 11.57 22.65
C PRO A 330 -10.11 10.42 21.66
N ILE A 331 -9.06 9.60 21.74
CA ILE A 331 -9.09 8.26 21.16
C ILE A 331 -10.26 7.51 21.77
N ASN A 332 -11.30 7.23 20.97
CA ASN A 332 -12.55 6.72 21.54
C ASN A 332 -12.72 5.22 21.35
N PHE A 333 -11.70 4.50 20.90
CA PHE A 333 -11.77 3.04 20.77
C PHE A 333 -10.52 2.42 21.39
N SER A 334 -10.52 1.08 21.46
CA SER A 334 -9.34 0.33 21.84
C SER A 334 -9.19 -0.87 20.91
N PHE A 335 -7.94 -1.16 20.55
CA PHE A 335 -7.60 -2.18 19.57
C PHE A 335 -7.57 -3.58 20.17
N TRP A 336 -7.15 -3.70 21.42
CA TRP A 336 -6.82 -4.97 22.06
C TRP A 336 -8.05 -5.74 22.53
N THR A 337 -9.19 -5.06 22.71
CA THR A 337 -10.44 -5.71 23.05
C THR A 337 -11.57 -4.92 22.41
N LEU A 338 -12.76 -5.51 22.47
CA LEU A 338 -13.98 -4.81 22.09
C LEU A 338 -14.80 -4.42 23.30
N ASP A 339 -14.40 -4.86 24.49
CA ASP A 339 -15.14 -4.56 25.70
C ASP A 339 -15.29 -3.05 25.86
N THR A 340 -16.37 -2.64 26.52
CA THR A 340 -16.53 -1.23 26.80
C THR A 340 -15.51 -0.74 27.83
N TYR A 341 -15.25 -1.55 28.86
CA TYR A 341 -14.30 -1.19 29.90
C TYR A 341 -13.14 -2.16 29.90
N GLY A 342 -11.99 -1.68 30.36
CA GLY A 342 -10.77 -2.45 30.35
C GLY A 342 -9.58 -1.57 30.61
N PRO A 343 -8.38 -2.16 30.71
CA PRO A 343 -7.18 -1.38 31.00
C PRO A 343 -6.74 -0.59 29.76
N ILE A 344 -6.61 0.73 29.93
CA ILE A 344 -6.10 1.57 28.85
C ILE A 344 -4.66 1.21 28.52
N HIS A 345 -3.92 0.66 29.49
CA HIS A 345 -2.59 0.08 29.28
C HIS A 345 -2.81 -1.43 29.24
N TRP A 346 -3.11 -1.93 28.04
CA TRP A 346 -3.60 -3.30 27.90
C TRP A 346 -2.56 -4.31 28.35
N GLY A 347 -1.33 -4.19 27.86
CA GLY A 347 -0.29 -5.14 28.20
C GLY A 347 -0.08 -5.27 29.69
N ALA A 348 -0.13 -4.14 30.40
CA ALA A 348 0.17 -4.12 31.83
C ALA A 348 -1.06 -4.32 32.70
N LYS A 349 -2.23 -4.46 32.11
CA LYS A 349 -3.48 -4.57 32.87
C LYS A 349 -3.59 -3.44 33.90
N GLU A 350 -3.30 -2.22 33.46
CA GLU A 350 -3.25 -1.04 34.31
C GLU A 350 -4.10 0.07 33.70
N GLY A 351 -4.92 0.72 34.52
CA GLY A 351 -5.69 1.87 34.09
C GLY A 351 -7.12 1.56 33.66
N HIS A 352 -7.87 0.90 34.52
CA HIS A 352 -9.17 0.35 34.15
C HIS A 352 -10.20 1.47 34.07
N GLN A 353 -10.58 1.84 32.86
CA GLN A 353 -11.65 2.82 32.64
C GLN A 353 -12.47 2.35 31.44
N GLN A 354 -13.34 3.23 30.95
CA GLN A 354 -14.03 2.97 29.69
C GLN A 354 -13.07 3.24 28.53
N ILE A 355 -12.64 2.18 27.83
CA ILE A 355 -11.72 2.35 26.72
C ILE A 355 -12.40 2.20 25.36
N ASN A 356 -13.68 1.84 25.32
CA ASN A 356 -14.40 1.70 24.05
C ASN A 356 -15.71 2.50 24.12
N PHE A 357 -15.94 3.30 23.09
CA PHE A 357 -17.09 4.19 23.05
C PHE A 357 -18.04 3.90 21.90
N HIS A 358 -17.66 3.05 20.95
CA HIS A 358 -18.59 2.52 19.95
C HIS A 358 -19.22 3.65 19.13
N VAL A 359 -18.38 4.39 18.43
CA VAL A 359 -18.79 5.59 17.71
C VAL A 359 -19.05 5.20 16.25
N ASP A 360 -20.24 5.56 15.72
CA ASP A 360 -20.71 4.91 14.50
C ASP A 360 -19.86 5.25 13.29
N VAL A 361 -19.32 6.47 13.20
CA VAL A 361 -18.20 6.83 12.32
C VAL A 361 -18.30 6.31 10.87
N ARG A 362 -19.44 5.71 10.50
CA ARG A 362 -19.60 5.02 9.21
C ARG A 362 -20.19 5.89 8.11
N GLU A 363 -20.95 6.91 8.46
CA GLU A 363 -21.60 7.79 7.48
C GLU A 363 -22.38 6.91 6.51
N ASP A 364 -22.47 7.32 5.24
CA ASP A 364 -23.10 6.52 4.20
C ASP A 364 -22.06 5.89 3.29
N HIS A 365 -20.99 5.37 3.88
CA HIS A 365 -19.88 4.87 3.08
C HIS A 365 -20.22 3.59 2.33
N SER A 366 -21.30 2.91 2.71
CA SER A 366 -21.64 1.68 2.01
C SER A 366 -22.01 1.93 0.55
N ARG A 367 -22.56 3.11 0.23
CA ARG A 367 -22.79 3.45 -1.16
C ARG A 367 -21.49 3.46 -1.95
N LEU A 368 -20.44 4.06 -1.41
CA LEU A 368 -19.17 4.12 -2.13
C LEU A 368 -18.52 2.75 -2.19
N ILE A 369 -18.57 2.00 -1.10
CA ILE A 369 -17.92 0.70 -1.07
C ILE A 369 -18.56 -0.23 -2.09
N ARG A 370 -19.87 -0.12 -2.25
CA ARG A 370 -20.57 -0.93 -3.25
C ARG A 370 -20.27 -0.47 -4.67
N GLU A 371 -20.13 0.84 -4.90
CA GLU A 371 -19.81 1.34 -6.24
C GLU A 371 -18.40 0.92 -6.66
N ILE A 372 -17.40 1.18 -5.82
CA ILE A 372 -16.03 0.78 -6.12
C ILE A 372 -15.96 -0.72 -6.36
N ALA A 373 -16.64 -1.50 -5.53
CA ALA A 373 -16.55 -2.96 -5.65
C ALA A 373 -17.10 -3.45 -6.98
N ALA A 374 -18.16 -2.83 -7.47
CA ALA A 374 -18.75 -3.21 -8.76
C ALA A 374 -17.91 -2.68 -9.92
N LYS A 375 -17.56 -1.39 -9.89
CA LYS A 375 -16.76 -0.79 -10.95
C LYS A 375 -15.33 -1.31 -10.96
N GLY A 376 -14.96 -2.14 -9.98
CA GLY A 376 -13.64 -2.73 -9.96
C GLY A 376 -13.67 -4.22 -10.23
N THR A 377 -14.86 -4.74 -10.53
CA THR A 377 -14.96 -6.12 -11.00
C THR A 377 -14.47 -6.19 -12.44
N VAL A 378 -13.71 -7.22 -12.75
CA VAL A 378 -13.16 -7.40 -14.09
C VAL A 378 -13.94 -8.51 -14.79
N LEU A 379 -14.51 -8.19 -15.95
CA LEU A 379 -15.19 -9.16 -16.79
C LEU A 379 -14.15 -9.77 -17.73
N LEU A 380 -13.71 -10.99 -17.41
CA LEU A 380 -12.61 -11.61 -18.15
C LEU A 380 -13.08 -12.25 -19.44
N LYS A 381 -14.27 -12.85 -19.47
CA LYS A 381 -14.77 -13.56 -20.65
C LYS A 381 -16.29 -13.47 -20.68
N ASN A 382 -16.85 -13.36 -21.88
CA ASN A 382 -18.31 -13.18 -21.97
C ASN A 382 -18.78 -13.63 -23.37
N GLU A 383 -19.08 -14.92 -23.48
CA GLU A 383 -19.59 -15.49 -24.74
C GLU A 383 -21.12 -15.55 -24.68
N GLY A 384 -21.73 -14.36 -24.80
CA GLY A 384 -23.17 -14.21 -24.85
C GLY A 384 -23.95 -14.54 -23.59
N ALA A 385 -23.28 -14.69 -22.44
CA ALA A 385 -23.97 -15.05 -21.21
C ALA A 385 -24.50 -13.84 -20.45
N LEU A 386 -23.84 -12.69 -20.53
CA LEU A 386 -24.11 -11.57 -19.64
C LEU A 386 -24.43 -10.32 -20.44
N PRO A 387 -25.30 -9.45 -19.91
CA PRO A 387 -25.88 -9.53 -18.58
C PRO A 387 -27.00 -10.55 -18.47
N LEU A 388 -27.26 -11.00 -17.24
CA LEU A 388 -28.42 -11.85 -16.99
C LEU A 388 -29.69 -11.04 -17.17
N ASP A 389 -30.69 -11.65 -17.84
CA ASP A 389 -31.97 -10.95 -17.98
C ASP A 389 -32.97 -11.41 -16.93
N LYS A 390 -33.72 -12.46 -17.22
CA LYS A 390 -34.65 -13.04 -16.26
C LYS A 390 -34.54 -14.54 -16.36
N PRO A 391 -33.43 -15.11 -15.90
CA PRO A 391 -33.22 -16.55 -16.03
C PRO A 391 -34.36 -17.31 -15.39
N LYS A 392 -34.85 -18.35 -16.09
CA LYS A 392 -35.91 -19.16 -15.52
C LYS A 392 -35.45 -19.86 -14.24
N PHE A 393 -34.20 -20.35 -14.22
CA PHE A 393 -33.67 -21.10 -13.08
C PHE A 393 -32.22 -20.68 -12.87
N LEU A 394 -31.96 -19.97 -11.78
CA LEU A 394 -30.61 -19.54 -11.41
C LEU A 394 -30.11 -20.40 -10.25
N ALA A 395 -28.93 -20.98 -10.43
CA ALA A 395 -28.31 -21.87 -9.45
C ALA A 395 -26.94 -21.34 -9.10
N VAL A 396 -26.75 -20.95 -7.83
CA VAL A 396 -25.46 -20.49 -7.34
C VAL A 396 -24.77 -21.63 -6.62
N ILE A 397 -23.48 -21.82 -6.89
CA ILE A 397 -22.74 -23.01 -6.47
C ILE A 397 -21.38 -22.61 -5.92
N GLY A 398 -20.98 -23.24 -4.82
CA GLY A 398 -19.68 -22.98 -4.23
C GLY A 398 -19.74 -22.44 -2.81
N GLU A 399 -18.77 -22.83 -1.98
CA GLU A 399 -18.70 -22.31 -0.63
C GLU A 399 -18.49 -20.79 -0.64
N ASP A 400 -17.69 -20.30 -1.60
CA ASP A 400 -17.39 -18.87 -1.67
C ASP A 400 -18.64 -18.02 -1.82
N ALA A 401 -19.78 -18.63 -2.15
CA ALA A 401 -21.00 -17.90 -2.36
C ALA A 401 -21.80 -17.69 -1.08
N GLY A 402 -21.38 -18.33 0.02
CA GLY A 402 -22.17 -18.36 1.23
C GLY A 402 -21.54 -17.67 2.44
N PRO A 403 -22.24 -17.74 3.56
CA PRO A 403 -21.70 -17.17 4.79
C PRO A 403 -20.64 -18.08 5.38
N ASN A 404 -19.64 -17.47 6.03
CA ASN A 404 -18.87 -18.24 7.00
C ASN A 404 -19.82 -18.68 8.09
N HIS A 405 -20.00 -20.00 8.28
CA HIS A 405 -21.00 -20.44 9.26
C HIS A 405 -20.70 -19.90 10.66
N ASN A 406 -19.49 -19.38 10.88
CA ASN A 406 -19.06 -18.84 12.16
C ASN A 406 -19.17 -17.32 12.25
N GLY A 407 -19.66 -16.66 11.21
CA GLY A 407 -19.85 -15.23 11.24
C GLY A 407 -18.77 -14.49 10.47
N PRO A 408 -19.09 -13.28 9.98
CA PRO A 408 -18.14 -12.55 9.14
C PRO A 408 -16.85 -12.21 9.85
N ASN A 409 -16.90 -11.99 11.16
CA ASN A 409 -15.70 -11.56 11.86
C ASN A 409 -15.13 -12.67 12.74
N SER A 410 -15.44 -13.93 12.44
CA SER A 410 -15.17 -14.99 13.39
C SER A 410 -13.67 -15.11 13.69
N CYS A 411 -12.82 -14.82 12.71
CA CYS A 411 -11.38 -14.99 12.82
C CYS A 411 -10.69 -13.63 12.95
N ASP A 412 -9.88 -13.47 13.99
CA ASP A 412 -9.17 -12.20 14.19
C ASP A 412 -8.16 -11.98 13.08
N ASP A 413 -8.11 -10.74 12.59
CA ASP A 413 -7.29 -10.34 11.44
C ASP A 413 -7.62 -11.13 10.17
N ARG A 414 -8.84 -11.67 10.09
CA ARG A 414 -9.35 -12.38 8.91
C ARG A 414 -8.53 -13.62 8.59
N GLY A 415 -7.98 -14.26 9.62
CA GLY A 415 -7.00 -15.31 9.43
C GLY A 415 -7.57 -16.70 9.27
N CYS A 416 -8.53 -16.84 8.36
CA CYS A 416 -9.07 -18.15 8.03
C CYS A 416 -9.95 -17.99 6.80
N VAL A 417 -10.13 -19.08 6.08
CA VAL A 417 -11.09 -19.12 4.99
C VAL A 417 -12.33 -19.84 5.50
N GLY A 418 -13.48 -19.37 5.04
CA GLY A 418 -14.77 -19.91 5.40
C GLY A 418 -15.83 -19.07 4.71
N GLY A 419 -16.59 -19.70 3.81
CA GLY A 419 -17.57 -18.94 3.07
C GLY A 419 -16.91 -17.98 2.08
N THR A 420 -17.60 -16.86 1.84
CA THR A 420 -17.13 -15.86 0.90
C THR A 420 -15.83 -15.23 1.37
N LEU A 421 -14.94 -14.94 0.42
CA LEU A 421 -13.71 -14.21 0.66
C LEU A 421 -13.93 -12.76 0.22
N ALA A 422 -13.86 -11.85 1.19
CA ALA A 422 -14.01 -10.43 0.90
C ALA A 422 -12.80 -9.61 1.31
N MET A 423 -11.73 -10.25 1.81
CA MET A 423 -10.62 -9.55 2.44
C MET A 423 -9.49 -10.50 2.83
N GLY A 424 -8.26 -10.15 2.48
CA GLY A 424 -7.10 -10.92 2.91
C GLY A 424 -6.83 -10.76 4.39
N TRP A 425 -5.84 -11.51 4.88
CA TRP A 425 -5.54 -11.54 6.30
C TRP A 425 -4.27 -10.78 6.61
N GLY A 426 -4.13 -10.42 7.88
CA GLY A 426 -2.97 -9.67 8.33
C GLY A 426 -3.37 -8.35 8.96
N SER A 427 -2.44 -7.41 9.02
CA SER A 427 -2.77 -6.08 9.51
C SER A 427 -3.67 -5.32 8.55
N GLY A 428 -3.70 -5.70 7.27
CA GLY A 428 -4.39 -4.92 6.25
C GLY A 428 -5.90 -5.12 6.22
N THR A 429 -6.49 -5.24 7.41
CA THR A 429 -7.86 -5.72 7.59
C THR A 429 -8.69 -4.73 8.42
N ALA A 430 -10.01 -4.92 8.34
CA ALA A 430 -10.99 -4.27 9.21
C ALA A 430 -12.14 -5.25 9.44
N ASN A 431 -12.92 -5.02 10.50
CA ASN A 431 -14.07 -5.85 10.76
C ASN A 431 -15.26 -5.39 9.92
N PHE A 432 -16.06 -6.34 9.47
CA PHE A 432 -17.21 -5.95 8.66
C PHE A 432 -18.33 -5.43 9.58
N PRO A 433 -18.97 -4.32 9.22
CA PRO A 433 -20.23 -3.96 9.89
C PRO A 433 -21.33 -4.93 9.56
N TYR A 434 -21.16 -5.68 8.47
CA TYR A 434 -22.05 -6.65 7.88
C TYR A 434 -21.30 -7.15 6.65
N LEU A 435 -21.76 -8.26 6.08
CA LEU A 435 -21.12 -8.80 4.88
C LEU A 435 -22.20 -9.37 3.99
N VAL A 436 -22.63 -8.60 2.99
CA VAL A 436 -23.64 -9.08 2.04
C VAL A 436 -23.02 -10.22 1.24
N THR A 437 -23.55 -11.41 1.43
CA THR A 437 -23.02 -12.58 0.76
C THR A 437 -23.70 -12.74 -0.60
N PRO A 438 -22.96 -13.18 -1.64
CA PRO A 438 -23.60 -13.36 -2.97
C PRO A 438 -24.90 -14.15 -2.94
N ASP A 439 -24.93 -15.27 -2.20
CA ASP A 439 -26.15 -16.06 -2.09
C ASP A 439 -27.34 -15.18 -1.77
N ALA A 440 -27.19 -14.28 -0.80
CA ALA A 440 -28.33 -13.50 -0.35
C ALA A 440 -28.70 -12.42 -1.36
N ALA A 441 -27.70 -11.77 -1.96
CA ALA A 441 -27.98 -10.71 -2.92
C ALA A 441 -28.61 -11.28 -4.19
N LEU A 442 -28.01 -12.37 -4.71
CA LEU A 442 -28.51 -12.96 -5.94
C LEU A 442 -29.88 -13.59 -5.74
N GLN A 443 -30.05 -14.35 -4.66
CA GLN A 443 -31.37 -14.92 -4.34
C GLN A 443 -32.45 -13.85 -4.35
N ALA A 444 -32.20 -12.73 -3.69
CA ALA A 444 -33.24 -11.71 -3.59
C ALA A 444 -33.50 -11.05 -4.94
N GLN A 445 -32.45 -10.88 -5.75
CA GLN A 445 -32.64 -10.39 -7.11
C GLN A 445 -33.54 -11.33 -7.88
N ALA A 446 -33.22 -12.62 -7.84
CA ALA A 446 -33.99 -13.60 -8.60
C ALA A 446 -35.44 -13.64 -8.13
N ILE A 447 -35.68 -13.49 -6.83
CA ILE A 447 -37.05 -13.59 -6.33
C ILE A 447 -37.87 -12.41 -6.82
N LYS A 448 -37.35 -11.19 -6.65
CA LYS A 448 -38.00 -10.02 -7.23
C LYS A 448 -38.23 -10.21 -8.72
N ASP A 449 -37.28 -10.84 -9.41
CA ASP A 449 -37.33 -11.04 -10.85
C ASP A 449 -38.34 -12.08 -11.28
N GLY A 450 -38.87 -12.87 -10.35
CA GLY A 450 -39.73 -13.98 -10.69
C GLY A 450 -39.01 -15.29 -10.99
N SER A 451 -37.67 -15.30 -10.93
CA SER A 451 -36.92 -16.50 -11.26
C SER A 451 -37.02 -17.56 -10.17
N ARG A 452 -36.58 -18.76 -10.52
CA ARG A 452 -36.37 -19.82 -9.56
C ARG A 452 -34.91 -19.76 -9.14
N TYR A 453 -34.67 -19.77 -7.84
CA TYR A 453 -33.34 -19.70 -7.28
C TYR A 453 -33.12 -20.89 -6.37
N GLU A 454 -32.03 -21.61 -6.59
CA GLU A 454 -31.52 -22.57 -5.62
C GLU A 454 -30.02 -22.42 -5.56
N SER A 455 -29.45 -22.63 -4.37
CA SER A 455 -28.01 -22.55 -4.20
C SER A 455 -27.50 -23.78 -3.47
N VAL A 456 -26.31 -24.24 -3.84
CA VAL A 456 -25.60 -25.27 -3.08
C VAL A 456 -24.27 -24.65 -2.65
N LEU A 457 -24.19 -24.28 -1.37
CA LEU A 457 -23.04 -23.53 -0.87
C LEU A 457 -21.97 -24.49 -0.35
N SER A 458 -21.49 -25.32 -1.26
CA SER A 458 -20.45 -26.29 -0.96
C SER A 458 -19.54 -26.43 -2.19
N ASN A 459 -18.31 -26.84 -1.94
CA ASN A 459 -17.38 -27.16 -3.01
C ASN A 459 -17.25 -28.66 -3.24
N HIS A 460 -18.07 -29.47 -2.57
CA HIS A 460 -17.78 -30.89 -2.57
C HIS A 460 -19.00 -31.80 -2.64
N ALA A 461 -20.22 -31.31 -2.39
CA ALA A 461 -21.44 -32.11 -2.53
C ALA A 461 -21.70 -32.34 -4.01
N MET A 462 -20.96 -33.28 -4.60
CA MET A 462 -20.88 -33.36 -6.04
C MET A 462 -22.17 -33.88 -6.65
N GLU A 463 -22.68 -35.01 -6.14
CA GLU A 463 -23.95 -35.50 -6.67
C GLU A 463 -25.10 -34.56 -6.33
N THR A 464 -25.08 -33.97 -5.12
CA THR A 464 -26.06 -32.93 -4.79
C THR A 464 -26.04 -31.81 -5.82
N ILE A 465 -24.83 -31.33 -6.17
CA ILE A 465 -24.68 -30.28 -7.18
C ILE A 465 -25.19 -30.79 -8.53
N ARG A 466 -24.71 -31.96 -8.95
CA ARG A 466 -25.09 -32.49 -10.25
C ARG A 466 -26.61 -32.45 -10.44
N LYS A 467 -27.35 -33.04 -9.49
CA LYS A 467 -28.81 -33.02 -9.54
C LYS A 467 -29.36 -31.61 -9.72
N VAL A 468 -28.68 -30.61 -9.16
CA VAL A 468 -29.19 -29.24 -9.24
C VAL A 468 -28.90 -28.62 -10.61
N VAL A 469 -27.64 -28.66 -11.05
CA VAL A 469 -27.31 -27.93 -12.27
C VAL A 469 -27.61 -28.69 -13.55
N SER A 470 -27.88 -30.01 -13.49
CA SER A 470 -28.18 -30.76 -14.70
C SER A 470 -29.55 -30.42 -15.28
N GLN A 471 -30.45 -29.89 -14.47
CA GLN A 471 -31.83 -29.74 -14.90
C GLN A 471 -31.92 -28.77 -16.07
N ASP A 472 -33.06 -28.85 -16.76
CA ASP A 472 -33.29 -28.06 -17.97
C ASP A 472 -33.27 -26.57 -17.65
N ASN A 473 -32.59 -25.81 -18.51
CA ASN A 473 -32.67 -24.34 -18.51
C ASN A 473 -32.06 -23.75 -17.24
N VAL A 474 -30.88 -24.25 -16.87
CA VAL A 474 -30.17 -23.82 -15.68
C VAL A 474 -29.11 -22.79 -16.06
N THR A 475 -29.06 -21.68 -15.33
CA THR A 475 -27.93 -20.76 -15.38
C THR A 475 -27.14 -20.93 -14.08
N ALA A 476 -25.92 -21.44 -14.19
CA ALA A 476 -25.08 -21.76 -13.04
C ALA A 476 -23.98 -20.73 -12.90
N VAL A 477 -23.97 -20.01 -11.77
CA VAL A 477 -22.89 -19.12 -11.40
C VAL A 477 -22.13 -19.78 -10.26
N VAL A 478 -20.83 -20.01 -10.46
CA VAL A 478 -19.99 -20.78 -9.54
C VAL A 478 -18.95 -19.85 -8.93
N PHE A 479 -18.86 -19.85 -7.59
CA PHE A 479 -18.01 -18.92 -6.84
C PHE A 479 -16.82 -19.66 -6.24
N VAL A 480 -15.62 -19.25 -6.62
CA VAL A 480 -14.38 -19.84 -6.10
C VAL A 480 -13.46 -18.72 -5.62
N ASN A 481 -12.48 -19.09 -4.78
CA ASN A 481 -11.59 -18.08 -4.23
C ASN A 481 -10.15 -18.57 -4.06
N ALA A 482 -9.24 -17.60 -3.90
CA ALA A 482 -7.86 -17.82 -3.47
C ALA A 482 -7.46 -16.71 -2.50
N ASN A 483 -6.56 -17.03 -1.56
CA ASN A 483 -6.24 -16.14 -0.46
C ASN A 483 -4.74 -16.00 -0.25
N SER A 484 -4.36 -14.92 0.45
CA SER A 484 -3.04 -14.80 1.08
C SER A 484 -3.15 -13.75 2.20
N GLY A 485 -2.02 -13.43 2.81
CA GLY A 485 -2.03 -12.45 3.87
C GLY A 485 -0.63 -12.14 4.35
N GLU A 486 -0.55 -11.52 5.54
CA GLU A 486 0.72 -11.17 6.17
C GLU A 486 1.36 -12.40 6.82
N GLY A 487 2.69 -12.34 6.97
CA GLY A 487 3.45 -13.53 7.30
C GLY A 487 3.23 -14.09 8.69
N TYR A 488 2.64 -13.30 9.60
CA TYR A 488 2.53 -13.72 10.99
C TYR A 488 1.32 -14.62 11.24
N ILE A 489 0.48 -14.85 10.22
CA ILE A 489 -0.65 -15.79 10.26
C ILE A 489 -0.45 -16.82 9.17
N THR A 490 -0.45 -18.10 9.55
CA THR A 490 -0.42 -19.19 8.59
C THR A 490 -1.83 -19.78 8.47
N VAL A 491 -2.38 -19.75 7.26
CA VAL A 491 -3.68 -20.36 6.99
C VAL A 491 -3.46 -21.52 6.05
N ASP A 492 -3.60 -22.73 6.56
CA ASP A 492 -3.44 -23.95 5.76
C ASP A 492 -2.07 -23.99 5.10
N GLY A 493 -1.03 -23.86 5.93
CA GLY A 493 0.33 -23.99 5.47
C GLY A 493 0.83 -22.89 4.58
N ASN A 494 0.04 -21.84 4.33
CA ASN A 494 0.51 -20.66 3.60
C ASN A 494 1.05 -19.68 4.61
N ARG A 495 2.38 -19.59 4.71
CA ARG A 495 3.04 -18.71 5.66
C ARG A 495 2.99 -17.27 5.13
N GLY A 496 1.79 -16.69 5.16
CA GLY A 496 1.54 -15.39 4.55
C GLY A 496 1.46 -15.46 3.04
N ASP A 497 2.56 -15.90 2.41
CA ASP A 497 2.61 -16.03 0.97
C ASP A 497 1.76 -17.20 0.49
N ARG A 498 1.17 -17.02 -0.69
CA ARG A 498 0.49 -18.12 -1.38
C ARG A 498 1.47 -19.22 -1.74
N ASN A 499 1.07 -20.45 -1.46
CA ASN A 499 1.90 -21.57 -1.87
C ASN A 499 1.87 -21.78 -3.37
N ASN A 500 0.74 -21.48 -4.02
CA ASN A 500 0.60 -21.74 -5.45
C ASN A 500 -0.50 -20.85 -6.02
N LEU A 501 -0.68 -20.94 -7.33
CA LEU A 501 -1.53 -20.02 -8.05
C LEU A 501 -2.85 -20.64 -8.50
N THR A 502 -3.25 -21.74 -7.86
CA THR A 502 -4.54 -22.36 -8.14
C THR A 502 -5.58 -21.91 -7.12
N LEU A 503 -6.86 -22.14 -7.45
CA LEU A 503 -7.93 -21.78 -6.53
C LEU A 503 -7.89 -22.65 -5.29
N TRP A 504 -8.38 -22.10 -4.20
CA TRP A 504 -8.42 -22.86 -2.96
C TRP A 504 -9.69 -23.71 -2.93
N ASN A 505 -9.70 -24.68 -2.01
CA ASN A 505 -10.91 -25.45 -1.73
C ASN A 505 -11.36 -26.26 -2.93
N GLY A 506 -10.42 -26.65 -3.78
CA GLY A 506 -10.75 -27.45 -4.96
C GLY A 506 -11.67 -26.76 -5.94
N GLY A 507 -11.58 -25.43 -6.05
CA GLY A 507 -12.40 -24.70 -7.00
C GLY A 507 -12.21 -25.14 -8.43
N ASP A 508 -10.99 -25.58 -8.79
CA ASP A 508 -10.76 -26.00 -10.16
C ASP A 508 -11.65 -27.17 -10.54
N GLU A 509 -11.63 -28.24 -9.74
CA GLU A 509 -12.45 -29.41 -10.07
C GLU A 509 -13.92 -29.15 -9.78
N LEU A 510 -14.24 -28.22 -8.89
CA LEU A 510 -15.63 -27.80 -8.75
C LEU A 510 -16.13 -27.17 -10.04
N ILE A 511 -15.35 -26.26 -10.63
CA ILE A 511 -15.71 -25.67 -11.91
C ILE A 511 -15.79 -26.72 -12.99
N LYS A 512 -14.76 -27.57 -13.09
CA LYS A 512 -14.71 -28.57 -14.14
C LYS A 512 -15.93 -29.48 -14.07
N ASN A 513 -16.43 -29.77 -12.87
CA ASN A 513 -17.61 -30.61 -12.72
C ASN A 513 -18.88 -29.88 -13.12
N VAL A 514 -19.02 -28.61 -12.75
CA VAL A 514 -20.24 -27.89 -13.10
C VAL A 514 -20.30 -27.65 -14.60
N ALA A 515 -19.20 -27.16 -15.17
CA ALA A 515 -19.10 -27.08 -16.62
C ALA A 515 -19.35 -28.42 -17.29
N SER A 516 -19.12 -29.52 -16.57
CA SER A 516 -19.38 -30.86 -17.11
C SER A 516 -20.87 -31.15 -17.22
N TRP A 517 -21.71 -30.54 -16.39
CA TRP A 517 -23.11 -30.88 -16.35
C TRP A 517 -24.04 -29.75 -16.82
N CYS A 518 -23.53 -28.59 -17.22
CA CYS A 518 -24.39 -27.44 -17.43
C CYS A 518 -23.83 -26.55 -18.53
N SER A 519 -24.68 -26.11 -19.47
CA SER A 519 -24.21 -25.48 -20.70
C SER A 519 -24.06 -23.97 -20.61
N ASN A 520 -24.46 -23.37 -19.50
CA ASN A 520 -24.38 -21.92 -19.27
C ASN A 520 -23.76 -21.75 -17.88
N THR A 521 -22.43 -21.89 -17.79
CA THR A 521 -21.72 -21.87 -16.52
C THR A 521 -20.87 -20.59 -16.41
N ILE A 522 -21.08 -19.85 -15.33
CA ILE A 522 -20.42 -18.57 -15.09
C ILE A 522 -19.55 -18.67 -13.83
N VAL A 523 -18.28 -18.30 -13.97
CA VAL A 523 -17.32 -18.38 -12.87
C VAL A 523 -17.06 -16.98 -12.34
N VAL A 524 -17.20 -16.80 -11.03
CA VAL A 524 -16.78 -15.57 -10.34
C VAL A 524 -15.66 -15.92 -9.37
N ILE A 525 -14.53 -15.25 -9.50
CA ILE A 525 -13.37 -15.46 -8.64
C ILE A 525 -13.23 -14.28 -7.68
N HIS A 526 -13.22 -14.57 -6.38
CA HIS A 526 -12.78 -13.63 -5.35
C HIS A 526 -11.38 -14.05 -4.93
N SER A 527 -10.40 -13.17 -5.13
CA SER A 527 -9.04 -13.63 -4.87
C SER A 527 -8.13 -12.46 -4.57
N VAL A 528 -6.99 -12.77 -3.95
CA VAL A 528 -5.96 -11.78 -3.65
C VAL A 528 -5.07 -11.45 -4.83
N GLY A 529 -5.28 -12.09 -5.97
CA GLY A 529 -4.39 -11.93 -7.10
C GLY A 529 -4.69 -12.91 -8.20
N PRO A 530 -3.85 -12.94 -9.24
CA PRO A 530 -4.13 -13.81 -10.37
C PRO A 530 -4.11 -15.27 -9.96
N VAL A 531 -4.92 -16.06 -10.64
CA VAL A 531 -4.92 -17.51 -10.49
C VAL A 531 -4.81 -18.12 -11.90
N LEU A 532 -4.02 -19.18 -12.01
CA LEU A 532 -3.93 -19.89 -13.28
C LEU A 532 -5.31 -20.40 -13.69
N LEU A 533 -5.81 -19.90 -14.82
CA LEU A 533 -7.08 -20.35 -15.41
C LEU A 533 -6.88 -21.37 -16.53
N THR A 534 -5.70 -21.97 -16.64
CA THR A 534 -5.32 -22.61 -17.89
C THR A 534 -6.23 -23.81 -18.22
N ASP A 535 -6.48 -24.67 -17.24
CA ASP A 535 -7.18 -25.91 -17.53
C ASP A 535 -8.64 -25.74 -17.92
N TRP A 536 -9.23 -24.56 -17.72
CA TRP A 536 -10.68 -24.46 -17.86
C TRP A 536 -11.22 -23.15 -18.40
N TYR A 537 -10.40 -22.16 -18.73
CA TYR A 537 -10.97 -20.91 -19.21
C TYR A 537 -11.65 -21.07 -20.56
N ASP A 538 -11.14 -21.95 -21.42
CA ASP A 538 -11.64 -22.13 -22.78
C ASP A 538 -12.68 -23.25 -22.89
N HIS A 539 -13.20 -23.74 -21.77
CA HIS A 539 -14.30 -24.70 -21.76
C HIS A 539 -15.47 -24.15 -22.56
N PRO A 540 -16.15 -24.99 -23.36
CA PRO A 540 -17.24 -24.47 -24.20
C PRO A 540 -18.54 -24.29 -23.45
N ASN A 541 -18.64 -24.81 -22.23
CA ASN A 541 -19.80 -24.60 -21.39
C ASN A 541 -19.60 -23.50 -20.35
N ILE A 542 -18.37 -23.03 -20.16
CA ILE A 542 -18.11 -21.86 -19.30
C ILE A 542 -18.28 -20.63 -20.16
N THR A 543 -19.37 -19.91 -19.97
CA THR A 543 -19.73 -18.84 -20.89
C THR A 543 -19.34 -17.45 -20.39
N ALA A 544 -18.86 -17.33 -19.15
CA ALA A 544 -18.34 -16.06 -18.66
C ALA A 544 -17.46 -16.33 -17.43
N ILE A 545 -16.41 -15.51 -17.30
CA ILE A 545 -15.55 -15.53 -16.12
C ILE A 545 -15.38 -14.09 -15.64
N LEU A 546 -15.62 -13.87 -14.34
CA LEU A 546 -15.43 -12.55 -13.72
C LEU A 546 -14.51 -12.67 -12.51
N TRP A 547 -13.58 -11.72 -12.40
CA TRP A 547 -12.75 -11.55 -11.21
C TRP A 547 -13.29 -10.36 -10.43
N ALA A 548 -13.76 -10.62 -9.20
CA ALA A 548 -14.31 -9.59 -8.32
C ALA A 548 -13.39 -9.24 -7.16
N GLY A 549 -12.22 -9.87 -7.07
CA GLY A 549 -11.21 -9.46 -6.11
C GLY A 549 -11.70 -9.55 -4.69
N LEU A 550 -11.28 -8.57 -3.88
CA LEU A 550 -11.63 -8.47 -2.46
C LEU A 550 -12.55 -7.27 -2.27
N PRO A 551 -13.87 -7.44 -2.41
CA PRO A 551 -14.77 -6.29 -2.51
C PRO A 551 -15.22 -5.69 -1.19
N GLY A 552 -14.97 -6.35 -0.07
CA GLY A 552 -15.35 -5.75 1.20
C GLY A 552 -16.77 -6.05 1.61
N GLN A 553 -17.38 -5.12 2.34
CA GLN A 553 -18.63 -5.41 3.03
C GLN A 553 -19.82 -5.59 2.10
N GLU A 554 -19.72 -5.15 0.84
CA GLU A 554 -20.86 -5.19 -0.07
C GLU A 554 -20.64 -6.17 -1.23
N SER A 555 -19.84 -7.22 -1.02
CA SER A 555 -19.42 -8.08 -2.13
C SER A 555 -20.62 -8.69 -2.85
N GLY A 556 -21.65 -9.08 -2.10
CA GLY A 556 -22.82 -9.65 -2.73
C GLY A 556 -23.57 -8.66 -3.60
N ASN A 557 -23.90 -7.49 -3.05
CA ASN A 557 -24.63 -6.49 -3.83
C ASN A 557 -23.85 -6.04 -5.04
N ALA A 558 -22.51 -6.07 -4.97
CA ALA A 558 -21.74 -5.54 -6.09
C ALA A 558 -21.75 -6.53 -7.27
N ILE A 559 -21.60 -7.83 -7.00
CA ILE A 559 -21.55 -8.78 -8.11
C ILE A 559 -22.92 -8.95 -8.75
N THR A 560 -24.00 -8.73 -7.99
CA THR A 560 -25.33 -8.74 -8.58
C THR A 560 -25.50 -7.57 -9.54
N ASP A 561 -25.06 -6.37 -9.14
CA ASP A 561 -25.08 -5.22 -10.05
C ASP A 561 -24.40 -5.54 -11.37
N VAL A 562 -23.28 -6.27 -11.32
CA VAL A 562 -22.52 -6.52 -12.54
C VAL A 562 -23.15 -7.63 -13.36
N LEU A 563 -23.62 -8.70 -12.71
CA LEU A 563 -24.19 -9.83 -13.45
C LEU A 563 -25.47 -9.44 -14.15
N TYR A 564 -26.31 -8.63 -13.51
CA TYR A 564 -27.57 -8.19 -14.07
C TYR A 564 -27.45 -6.88 -14.83
N GLY A 565 -26.24 -6.44 -15.12
CA GLY A 565 -26.05 -5.26 -15.93
C GLY A 565 -26.47 -3.94 -15.30
N LYS A 566 -26.85 -3.93 -14.02
CA LYS A 566 -27.18 -2.66 -13.36
C LYS A 566 -26.01 -1.70 -13.47
N VAL A 567 -24.80 -2.22 -13.33
CA VAL A 567 -23.56 -1.49 -13.58
C VAL A 567 -22.84 -2.16 -14.74
N ASN A 568 -22.43 -1.38 -15.72
CA ASN A 568 -21.77 -1.94 -16.90
C ASN A 568 -20.28 -2.14 -16.61
N PRO A 569 -19.76 -3.36 -16.78
CA PRO A 569 -18.32 -3.59 -16.58
C PRO A 569 -17.41 -2.64 -17.33
N ALA A 570 -16.18 -2.54 -16.83
CA ALA A 570 -15.18 -1.59 -17.30
C ALA A 570 -13.84 -1.88 -16.64
N GLY A 571 -13.90 -2.45 -15.43
CA GLY A 571 -12.71 -2.81 -14.69
C GLY A 571 -11.68 -3.56 -15.50
N ARG A 572 -10.42 -3.16 -15.38
CA ARG A 572 -9.31 -3.79 -16.07
C ARG A 572 -8.39 -4.48 -15.06
N SER A 573 -7.82 -5.60 -15.48
CA SER A 573 -6.93 -6.36 -14.61
C SER A 573 -5.70 -5.54 -14.25
N PRO A 574 -5.44 -5.26 -12.97
CA PRO A 574 -4.21 -4.59 -12.57
C PRO A 574 -2.97 -5.48 -12.65
N PHE A 575 -3.11 -6.70 -13.15
CA PHE A 575 -2.02 -7.66 -13.24
C PHE A 575 -2.29 -8.58 -14.42
N THR A 576 -1.34 -9.47 -14.67
CA THR A 576 -1.46 -10.41 -15.77
C THR A 576 -1.97 -11.76 -15.25
N TRP A 577 -2.85 -12.40 -16.02
CA TRP A 577 -3.28 -13.76 -15.75
C TRP A 577 -2.48 -14.68 -16.66
N GLY A 578 -1.38 -15.26 -16.12
CA GLY A 578 -0.54 -16.14 -16.89
C GLY A 578 -1.02 -17.58 -16.91
N ALA A 579 -0.34 -18.40 -17.71
CA ALA A 579 -0.71 -19.81 -17.85
C ALA A 579 0.09 -20.73 -16.94
N THR A 580 1.38 -20.47 -16.76
CA THR A 580 2.19 -21.13 -15.75
C THR A 580 2.53 -20.11 -14.67
N ARG A 581 3.18 -20.59 -13.60
CA ARG A 581 3.70 -19.62 -12.63
C ARG A 581 5.09 -19.14 -13.04
N GLU A 582 5.89 -20.00 -13.68
CA GLU A 582 7.18 -19.57 -14.19
C GLU A 582 7.03 -18.49 -15.24
N GLY A 583 5.85 -18.39 -15.87
CA GLY A 583 5.63 -17.37 -16.89
C GLY A 583 5.67 -15.95 -16.35
N TYR A 584 5.53 -15.78 -15.04
CA TYR A 584 5.67 -14.48 -14.40
C TYR A 584 7.12 -14.10 -14.14
N GLY A 585 8.06 -15.01 -14.34
CA GLY A 585 9.46 -14.71 -14.10
C GLY A 585 9.89 -14.89 -12.67
N ALA A 586 9.86 -13.81 -11.90
CA ALA A 586 10.25 -13.90 -10.50
C ALA A 586 9.26 -14.75 -9.71
N ASP A 587 9.76 -15.34 -8.62
CA ASP A 587 8.94 -16.16 -7.74
C ASP A 587 9.38 -16.00 -6.29
N VAL A 588 8.45 -16.35 -5.39
CA VAL A 588 8.72 -16.34 -3.97
C VAL A 588 9.80 -17.35 -3.64
N LEU A 589 10.65 -17.02 -2.67
CA LEU A 589 11.65 -17.93 -2.14
C LEU A 589 11.10 -18.50 -0.83
N TYR A 590 10.77 -19.79 -0.82
CA TYR A 590 10.14 -20.44 0.33
C TYR A 590 11.12 -21.12 1.26
N ASP A 591 12.41 -21.13 0.93
CA ASP A 591 13.34 -21.91 1.72
C ASP A 591 14.73 -21.29 1.64
N PRO A 592 15.36 -20.96 2.78
CA PRO A 592 16.63 -20.22 2.73
C PRO A 592 17.79 -21.02 2.18
N ASP A 593 17.63 -22.33 1.99
CA ASP A 593 18.63 -23.14 1.29
C ASP A 593 19.98 -23.10 2.02
N ASP A 594 19.93 -23.22 3.34
CA ASP A 594 21.08 -23.24 4.25
C ASP A 594 21.78 -21.88 4.35
N ALA A 595 21.33 -20.87 3.62
CA ALA A 595 21.91 -19.54 3.73
C ALA A 595 21.57 -18.90 5.07
N ARG A 596 22.53 -18.15 5.62
CA ARG A 596 22.31 -17.48 6.90
C ARG A 596 21.40 -16.27 6.74
N VAL A 597 21.59 -15.51 5.67
CA VAL A 597 20.69 -14.40 5.35
C VAL A 597 20.17 -14.62 3.94
N PRO A 598 18.91 -15.02 3.77
CA PRO A 598 18.37 -15.20 2.41
C PRO A 598 18.58 -13.98 1.54
N GLN A 599 19.13 -14.21 0.35
CA GLN A 599 19.42 -13.17 -0.62
C GLN A 599 18.46 -13.27 -1.81
N GLN A 600 17.92 -12.12 -2.23
CA GLN A 600 17.00 -12.05 -3.38
C GLN A 600 17.53 -11.06 -4.40
N ASN A 601 18.37 -11.53 -5.34
CA ASN A 601 18.82 -10.68 -6.44
C ASN A 601 17.64 -10.40 -7.36
N PHE A 602 17.25 -9.12 -7.49
CA PHE A 602 16.17 -8.72 -8.39
C PHE A 602 16.68 -8.67 -9.84
N THR A 603 17.24 -9.80 -10.29
CA THR A 603 17.91 -9.79 -11.59
C THR A 603 16.93 -9.65 -12.74
N GLU A 604 15.62 -9.81 -12.51
CA GLU A 604 14.66 -9.53 -13.56
C GLU A 604 14.59 -8.05 -13.92
N GLY A 605 15.24 -7.20 -13.12
CA GLY A 605 15.27 -5.78 -13.42
C GLY A 605 13.89 -5.15 -13.39
N VAL A 606 13.61 -4.35 -14.42
CA VAL A 606 12.32 -3.68 -14.57
C VAL A 606 11.23 -4.60 -15.11
N PHE A 607 11.53 -5.88 -15.31
CA PHE A 607 10.63 -6.81 -16.01
C PHE A 607 9.85 -7.65 -15.01
N ILE A 608 8.82 -7.04 -14.41
CA ILE A 608 7.86 -7.77 -13.60
C ILE A 608 6.50 -7.72 -14.30
N ASP A 609 5.61 -8.60 -13.86
CA ASP A 609 4.28 -8.79 -14.45
C ASP A 609 4.34 -8.72 -15.98
N TYR A 610 3.51 -7.86 -16.56
CA TYR A 610 3.33 -7.90 -18.01
C TYR A 610 4.61 -7.52 -18.75
N ARG A 611 5.48 -6.70 -18.15
CA ARG A 611 6.75 -6.40 -18.81
C ARG A 611 7.55 -7.67 -19.07
N TYR A 612 7.53 -8.60 -18.10
CA TYR A 612 8.24 -9.87 -18.26
C TYR A 612 7.60 -10.72 -19.37
N PHE A 613 6.27 -10.88 -19.30
CA PHE A 613 5.58 -11.68 -20.31
C PHE A 613 5.89 -11.18 -21.71
N ASP A 614 5.77 -9.86 -21.92
CA ASP A 614 6.01 -9.29 -23.23
C ASP A 614 7.46 -9.50 -23.69
N LYS A 615 8.42 -9.52 -22.76
CA LYS A 615 9.82 -9.64 -23.18
C LYS A 615 10.16 -11.05 -23.63
N HIS A 616 9.76 -12.05 -22.84
CA HIS A 616 10.09 -13.44 -23.12
C HIS A 616 8.95 -14.19 -23.79
N ASN A 617 7.85 -13.49 -24.07
CA ASN A 617 6.70 -14.07 -24.77
C ASN A 617 6.22 -15.35 -24.07
N THR A 618 6.25 -15.34 -22.74
CA THR A 618 5.54 -16.39 -22.04
C THR A 618 4.05 -16.22 -22.27
N ARG A 619 3.30 -17.30 -22.04
CA ARG A 619 1.92 -17.36 -22.49
C ARG A 619 1.01 -16.63 -21.52
N VAL A 620 0.16 -15.76 -22.08
CA VAL A 620 -0.78 -14.96 -21.32
C VAL A 620 -2.19 -15.36 -21.69
N ILE A 621 -3.03 -15.58 -20.69
CA ILE A 621 -4.42 -15.90 -20.90
C ILE A 621 -5.30 -14.66 -20.82
N TYR A 622 -5.02 -13.75 -19.89
CA TYR A 622 -5.65 -12.43 -19.88
C TYR A 622 -4.61 -11.41 -19.47
N GLU A 623 -4.33 -10.46 -20.36
CA GLU A 623 -3.24 -9.52 -20.26
C GLU A 623 -3.53 -8.42 -19.25
N PHE A 624 -2.46 -7.71 -18.86
CA PHE A 624 -2.60 -6.52 -18.02
C PHE A 624 -3.53 -5.51 -18.68
N GLY A 625 -4.45 -4.95 -17.90
CA GLY A 625 -5.37 -3.98 -18.45
C GLY A 625 -6.47 -4.54 -19.32
N HIS A 626 -6.74 -5.84 -19.27
CA HIS A 626 -7.85 -6.43 -20.00
C HIS A 626 -9.13 -6.37 -19.19
N GLY A 627 -10.24 -6.06 -19.86
CA GLY A 627 -11.55 -6.05 -19.24
C GLY A 627 -12.64 -5.81 -20.26
N LEU A 628 -13.80 -6.45 -20.10
CA LEU A 628 -14.85 -6.41 -21.12
C LEU A 628 -16.00 -5.53 -20.68
N SER A 629 -16.82 -5.15 -21.66
CA SER A 629 -18.01 -4.34 -21.44
C SER A 629 -19.23 -5.01 -22.08
N TYR A 630 -20.42 -4.57 -21.67
CA TYR A 630 -21.63 -4.96 -22.36
C TYR A 630 -21.94 -4.04 -23.54
N THR A 631 -21.04 -3.11 -23.85
CA THR A 631 -21.12 -2.36 -25.11
C THR A 631 -19.80 -2.49 -25.85
N THR A 632 -19.63 -1.74 -26.95
CA THR A 632 -18.38 -1.74 -27.70
C THR A 632 -17.88 -0.32 -27.90
N PHE A 633 -16.58 -0.19 -28.18
CA PHE A 633 -15.91 1.12 -28.26
C PHE A 633 -14.95 1.17 -29.44
N GLU A 634 -15.04 2.24 -30.23
CA GLU A 634 -14.22 2.41 -31.43
C GLU A 634 -13.26 3.58 -31.25
N TYR A 635 -11.96 3.28 -31.25
CA TYR A 635 -10.91 4.29 -31.16
C TYR A 635 -10.51 4.70 -32.57
N ARG A 636 -10.55 6.01 -32.86
CA ARG A 636 -10.11 6.54 -34.15
C ARG A 636 -9.43 7.89 -33.93
N ASN A 637 -8.74 8.36 -34.97
CA ASN A 637 -8.24 9.74 -35.07
C ASN A 637 -7.29 10.07 -33.91
N LEU A 638 -6.07 9.54 -34.02
CA LEU A 638 -5.03 9.84 -33.05
C LEU A 638 -4.37 11.17 -33.38
N GLN A 639 -4.12 11.97 -32.35
CA GLN A 639 -3.47 13.27 -32.51
C GLN A 639 -2.43 13.43 -31.41
N ILE A 640 -1.17 13.71 -31.80
CA ILE A 640 -0.11 13.97 -30.83
C ILE A 640 0.38 15.40 -31.03
N GLN A 641 0.18 16.24 -30.02
CA GLN A 641 0.58 17.64 -30.05
C GLN A 641 1.83 17.83 -29.19
N LYS A 642 2.90 18.33 -29.80
CA LYS A 642 4.21 18.39 -29.15
C LYS A 642 4.50 19.80 -28.65
N HIS A 643 4.63 19.96 -27.33
CA HIS A 643 4.98 21.25 -26.77
C HIS A 643 6.49 21.44 -26.79
N ASN A 644 6.92 22.59 -27.27
CA ASN A 644 8.30 23.03 -27.15
C ASN A 644 8.38 23.95 -25.94
N VAL A 645 9.19 23.61 -24.94
CA VAL A 645 10.18 22.51 -24.86
C VAL A 645 10.83 22.60 -23.48
N SER A 646 11.85 23.49 -23.41
CA SER A 646 12.63 23.94 -22.23
C SER A 646 13.73 22.95 -21.84
N ALA A 647 14.99 23.30 -22.09
CA ALA A 647 16.08 22.35 -21.90
C ALA A 647 16.21 21.94 -20.43
N TYR A 648 16.66 20.70 -20.21
CA TYR A 648 16.69 20.06 -18.88
C TYR A 648 17.97 20.43 -18.15
N ILE A 649 17.94 21.57 -17.47
CA ILE A 649 19.15 22.06 -16.80
C ILE A 649 19.20 21.47 -15.39
N PRO A 650 20.38 21.18 -14.86
CA PRO A 650 20.45 20.42 -13.61
C PRO A 650 20.06 21.25 -12.40
N THR A 651 20.28 20.68 -11.21
CA THR A 651 19.87 21.31 -9.96
C THR A 651 20.81 20.86 -8.85
N THR A 652 21.71 21.71 -8.32
CA THR A 652 22.30 22.98 -8.82
C THR A 652 23.11 23.67 -7.72
N GLY A 653 22.69 23.56 -6.45
CA GLY A 653 23.12 24.49 -5.42
C GLY A 653 23.56 23.85 -4.11
N LEU A 654 23.14 24.48 -3.01
CA LEU A 654 23.71 24.25 -1.68
C LEU A 654 22.67 24.57 -0.60
N THR A 655 22.54 23.68 0.38
CA THR A 655 21.49 23.81 1.40
C THR A 655 21.93 24.69 2.55
N GLU A 656 20.97 25.00 3.43
CA GLU A 656 21.29 25.76 4.63
C GLU A 656 21.88 24.82 5.69
N PRO A 657 22.69 25.36 6.60
CA PRO A 657 23.27 24.51 7.65
C PRO A 657 22.22 24.07 8.66
N ALA A 658 22.49 22.94 9.29
CA ALA A 658 21.49 22.33 10.17
C ALA A 658 21.18 23.26 11.34
N PRO A 659 19.92 23.55 11.62
CA PRO A 659 19.57 24.43 12.72
C PRO A 659 19.32 23.67 14.02
N THR A 660 19.23 24.43 15.10
CA THR A 660 18.73 23.95 16.37
C THR A 660 17.45 24.68 16.72
N PHE A 661 16.61 24.02 17.52
CA PHE A 661 15.36 24.60 18.00
C PHE A 661 15.22 24.26 19.48
N GLY A 662 15.05 25.30 20.30
CA GLY A 662 15.08 25.11 21.74
C GLY A 662 16.45 24.72 22.22
N GLU A 663 16.54 24.45 23.52
CA GLU A 663 17.77 24.01 24.17
C GLU A 663 17.47 22.91 25.18
N HIS A 664 18.54 22.22 25.61
CA HIS A 664 18.39 21.13 26.57
C HIS A 664 19.36 21.33 27.73
N SER A 665 18.85 21.16 28.95
CA SER A 665 19.65 21.31 30.14
C SER A 665 20.72 20.22 30.21
N THR A 666 21.85 20.54 30.85
CA THR A 666 22.94 19.59 31.01
C THR A 666 23.11 19.16 32.47
N ASN A 667 22.08 19.30 33.29
CA ASN A 667 22.09 18.85 34.67
C ASN A 667 21.42 17.48 34.65
N TYR A 668 22.24 16.41 34.55
CA TYR A 668 21.69 15.07 34.31
C TYR A 668 20.54 14.75 35.24
N SER A 669 20.60 15.24 36.49
CA SER A 669 19.53 14.96 37.43
C SER A 669 18.18 15.54 36.99
N ASP A 670 18.16 16.45 36.01
CA ASP A 670 16.89 16.96 35.48
C ASP A 670 16.09 15.87 34.78
N TYR A 671 16.76 14.85 34.28
CA TYR A 671 16.10 13.83 33.46
C TYR A 671 15.79 12.57 34.25
N LEU A 672 16.05 12.54 35.55
CA LEU A 672 15.60 11.42 36.35
C LEU A 672 14.07 11.38 36.36
N TYR A 673 13.53 10.21 36.66
CA TYR A 673 12.08 10.11 36.78
C TYR A 673 11.61 11.04 37.90
N PRO A 674 10.54 11.85 37.67
CA PRO A 674 9.99 12.71 38.72
C PRO A 674 9.79 11.94 40.02
N GLU A 675 9.78 12.63 41.17
CA GLU A 675 9.93 11.90 42.43
C GLU A 675 8.72 11.01 42.70
N GLY A 676 7.50 11.53 42.47
CA GLY A 676 6.33 10.68 42.72
C GLY A 676 6.03 9.63 41.67
N PHE A 677 6.76 9.64 40.55
CA PHE A 677 6.32 9.00 39.32
C PHE A 677 6.05 7.52 39.50
N HIS A 678 5.05 7.02 38.76
CA HIS A 678 4.72 5.60 38.71
C HIS A 678 4.92 5.08 37.30
N ARG A 679 5.73 4.04 37.17
CA ARG A 679 6.03 3.42 35.88
C ARG A 679 4.99 2.36 35.59
N ALA A 680 4.11 2.62 34.62
CA ALA A 680 3.30 1.53 34.07
C ALA A 680 4.27 0.45 33.58
N ASN A 681 3.90 -0.81 33.81
CA ASN A 681 4.84 -1.89 33.54
C ASN A 681 5.19 -1.98 32.06
N ARG A 682 6.49 -2.10 31.78
CA ARG A 682 7.05 -2.20 30.44
C ARG A 682 6.81 -0.96 29.56
N TYR A 683 6.08 0.04 30.07
CA TYR A 683 5.91 1.30 29.34
C TYR A 683 7.26 1.93 29.02
N ILE A 684 7.38 2.49 27.83
CA ILE A 684 8.62 3.08 27.35
C ILE A 684 8.58 4.58 27.63
N TYR A 685 9.43 5.03 28.54
CA TYR A 685 9.53 6.41 29.00
C TYR A 685 10.85 7.06 28.56
N PRO A 686 10.96 8.41 28.67
CA PRO A 686 12.19 9.09 28.25
C PRO A 686 13.20 9.32 29.38
N TYR A 687 12.74 9.19 30.61
CA TYR A 687 13.55 9.52 31.77
C TYR A 687 14.71 8.53 31.97
N VAL A 688 15.85 9.06 32.48
CA VAL A 688 16.98 8.23 32.90
C VAL A 688 16.76 7.80 34.35
N ASN A 689 17.43 6.74 34.75
CA ASN A 689 17.37 6.28 36.13
C ASN A 689 18.70 6.29 36.84
N SER A 690 19.76 6.78 36.19
CA SER A 690 21.02 7.02 36.87
C SER A 690 21.64 8.27 36.26
N THR A 691 22.30 9.06 37.12
CA THR A 691 23.10 10.19 36.68
C THR A 691 24.38 9.75 35.97
N ASP A 692 24.63 8.45 35.89
CA ASP A 692 25.70 7.84 35.13
C ASP A 692 25.09 7.42 33.80
N LEU A 693 25.47 8.11 32.72
CA LEU A 693 24.83 7.90 31.43
C LEU A 693 25.10 6.49 30.89
N GLU A 694 26.31 5.97 31.11
CA GLU A 694 26.59 4.59 30.75
C GLU A 694 25.64 3.65 31.48
N LEU A 695 25.56 3.78 32.80
CA LEU A 695 24.60 2.97 33.57
C LEU A 695 23.17 3.29 33.17
N ALA A 696 22.85 4.57 32.96
CA ALA A 696 21.50 4.95 32.57
C ALA A 696 21.05 4.15 31.35
N SER A 697 21.96 3.95 30.40
CA SER A 697 21.63 3.24 29.17
C SER A 697 21.54 1.74 29.39
N GLY A 698 22.47 1.17 30.14
CA GLY A 698 22.51 -0.26 30.27
C GLY A 698 22.90 -1.00 29.02
N ASP A 699 23.43 -0.29 28.02
CA ASP A 699 23.91 -0.93 26.81
C ASP A 699 25.27 -1.54 27.08
N PRO A 700 25.42 -2.88 26.97
CA PRO A 700 26.75 -3.47 27.21
C PRO A 700 27.80 -3.04 26.19
N TYR A 701 27.39 -2.40 25.08
CA TYR A 701 28.30 -1.93 24.06
C TYR A 701 28.60 -0.44 24.18
N TYR A 702 28.38 0.14 25.36
CA TYR A 702 28.40 1.59 25.53
C TYR A 702 29.81 2.19 25.40
N GLY A 703 29.88 3.33 24.71
CA GLY A 703 31.00 4.22 24.95
C GLY A 703 31.85 4.69 23.79
N GLN A 704 31.40 4.55 22.56
CA GLN A 704 32.20 4.99 21.43
C GLN A 704 31.69 6.32 20.89
N THR A 705 32.62 7.20 20.51
CA THR A 705 32.20 8.42 19.84
C THR A 705 31.74 8.10 18.43
N ALA A 706 30.97 9.03 17.86
CA ALA A 706 30.37 8.80 16.55
C ALA A 706 31.42 8.42 15.50
N ASP A 707 32.63 8.93 15.61
CA ASP A 707 33.66 8.59 14.64
C ASP A 707 34.11 7.14 14.73
N GLN A 708 33.79 6.44 15.82
CA GLN A 708 34.23 5.06 15.96
C GLN A 708 33.23 4.05 15.41
N PHE A 709 31.94 4.39 15.35
CA PHE A 709 30.97 3.42 14.84
C PHE A 709 29.95 3.99 13.86
N LEU A 710 29.94 5.28 13.58
CA LEU A 710 29.13 5.83 12.50
C LEU A 710 30.03 6.24 11.34
N PRO A 711 29.52 6.18 10.10
CA PRO A 711 30.38 6.41 8.92
C PRO A 711 30.73 7.87 8.78
N PRO A 712 31.65 8.22 7.87
CA PRO A 712 32.02 9.63 7.67
C PRO A 712 30.80 10.55 7.51
N ASN A 713 30.95 11.78 8.01
CA ASN A 713 29.95 12.83 7.89
C ASN A 713 28.58 12.42 8.46
N ALA A 714 28.50 11.34 9.24
CA ALA A 714 27.21 10.85 9.70
C ALA A 714 26.51 11.82 10.67
N THR A 715 27.28 12.68 11.35
CA THR A 715 26.71 13.69 12.23
C THR A 715 27.01 15.11 11.76
N SER A 716 27.64 15.27 10.60
CA SER A 716 27.98 16.57 10.05
C SER A 716 26.78 17.52 10.06
N SER A 717 27.06 18.79 10.40
CA SER A 717 26.07 19.84 10.47
C SER A 717 26.16 20.82 9.31
N ASP A 718 27.27 20.77 8.56
CA ASP A 718 27.57 21.74 7.54
C ASP A 718 26.60 21.67 6.37
N PRO A 719 26.42 22.77 5.64
CA PRO A 719 25.59 22.74 4.44
C PRO A 719 26.06 21.68 3.46
N GLN A 720 25.14 20.93 2.99
CA GLN A 720 25.29 19.82 2.07
C GLN A 720 24.99 20.23 0.64
N PRO A 721 25.67 19.65 -0.35
CA PRO A 721 25.37 19.99 -1.75
C PRO A 721 24.08 19.34 -2.21
N LEU A 722 23.44 20.00 -3.17
CA LEU A 722 22.15 19.56 -3.71
C LEU A 722 22.36 18.53 -4.81
N LEU A 723 21.53 17.49 -4.81
CA LEU A 723 21.68 16.40 -5.77
C LEU A 723 21.12 16.79 -7.14
N ARG A 724 21.87 16.43 -8.20
CA ARG A 724 21.51 16.81 -9.56
C ARG A 724 20.06 16.50 -9.90
N SER A 725 19.48 15.43 -9.33
CA SER A 725 18.21 14.88 -9.77
C SER A 725 17.00 15.37 -8.94
N SER A 726 17.16 16.44 -8.17
CA SER A 726 16.15 16.96 -7.27
C SER A 726 15.70 18.34 -7.73
N GLY A 727 14.74 18.92 -7.00
CA GLY A 727 14.43 20.31 -7.22
C GLY A 727 14.80 21.16 -6.01
N LYS A 728 14.92 22.48 -6.18
CA LYS A 728 15.38 23.28 -5.04
C LYS A 728 14.35 23.22 -3.93
N ASN A 729 13.22 23.89 -4.10
CA ASN A 729 12.23 23.84 -3.04
C ASN A 729 11.00 23.11 -3.56
N SER A 730 11.21 21.90 -4.08
CA SER A 730 10.23 21.27 -4.98
C SER A 730 9.88 19.80 -4.76
N PRO A 731 9.92 19.27 -3.52
CA PRO A 731 9.86 17.82 -3.30
C PRO A 731 9.29 16.91 -4.39
N GLY A 732 10.05 15.89 -4.80
CA GLY A 732 9.58 14.93 -5.77
C GLY A 732 10.54 14.71 -6.93
N GLY A 733 11.58 15.53 -6.98
CA GLY A 733 12.55 15.53 -8.05
C GLY A 733 12.49 16.83 -8.85
N ASN A 734 13.53 17.04 -9.69
CA ASN A 734 13.67 18.17 -10.59
C ASN A 734 12.33 18.45 -11.27
N PRO A 735 11.67 19.56 -10.95
CA PRO A 735 10.28 19.75 -11.41
C PRO A 735 10.12 19.73 -12.92
N GLN A 736 11.21 19.94 -13.67
CA GLN A 736 11.17 19.77 -15.11
C GLN A 736 10.90 18.33 -15.53
N LEU A 737 11.07 17.38 -14.60
CA LEU A 737 10.68 16.00 -14.89
C LEU A 737 9.19 15.89 -15.17
N TYR A 738 8.41 16.84 -14.69
CA TYR A 738 6.96 16.78 -14.77
C TYR A 738 6.39 17.80 -15.76
N ASP A 739 7.25 18.50 -16.50
CA ASP A 739 6.82 19.23 -17.67
C ASP A 739 6.14 18.29 -18.65
N VAL A 740 5.14 18.80 -19.37
CA VAL A 740 4.42 18.00 -20.35
C VAL A 740 5.06 18.24 -21.73
N LEU A 741 5.63 17.19 -22.30
CA LEU A 741 6.25 17.25 -23.62
C LEU A 741 5.28 16.96 -24.75
N TYR A 742 4.27 16.12 -24.50
CA TYR A 742 3.33 15.68 -25.52
C TYR A 742 1.92 15.63 -24.96
N THR A 743 0.94 15.99 -25.79
CA THR A 743 -0.47 15.78 -25.48
C THR A 743 -1.06 14.84 -26.53
N VAL A 744 -1.65 13.74 -26.07
CA VAL A 744 -2.08 12.66 -26.95
C VAL A 744 -3.60 12.56 -26.87
N THR A 745 -4.26 12.65 -28.03
CA THR A 745 -5.72 12.62 -28.08
C THR A 745 -6.21 11.65 -29.15
N ALA A 746 -7.32 10.98 -28.85
CA ALA A 746 -8.04 10.15 -29.81
C ALA A 746 -9.53 10.36 -29.62
N ASP A 747 -10.31 9.83 -30.55
CA ASP A 747 -11.76 9.98 -30.54
C ASP A 747 -12.37 8.63 -30.18
N ILE A 748 -12.99 8.55 -29.01
CA ILE A 748 -13.56 7.32 -28.50
C ILE A 748 -15.07 7.38 -28.70
N THR A 749 -15.60 6.42 -29.46
CA THR A 749 -17.00 6.40 -29.85
C THR A 749 -17.66 5.12 -29.38
N ASN A 750 -18.66 5.24 -28.51
CA ASN A 750 -19.49 4.10 -28.15
C ASN A 750 -20.27 3.62 -29.38
N THR A 751 -20.14 2.33 -29.70
CA THR A 751 -20.81 1.77 -30.87
C THR A 751 -21.73 0.62 -30.49
N GLY A 752 -22.10 0.54 -29.21
CA GLY A 752 -23.04 -0.46 -28.73
C GLY A 752 -24.43 0.12 -28.48
N ALA A 753 -25.25 -0.68 -27.80
CA ALA A 753 -26.62 -0.28 -27.50
C ALA A 753 -26.83 0.17 -26.07
N LEU A 754 -25.94 -0.23 -25.14
CA LEU A 754 -26.00 0.17 -23.75
C LEU A 754 -24.87 1.15 -23.46
N GLU A 755 -25.13 2.09 -22.54
CA GLU A 755 -24.10 3.03 -22.09
C GLU A 755 -23.10 2.33 -21.16
N GLY A 756 -21.91 2.92 -21.07
CA GLY A 756 -20.86 2.32 -20.26
C GLY A 756 -19.63 3.19 -20.18
N ASP A 757 -18.67 2.71 -19.40
CA ASP A 757 -17.37 3.35 -19.23
C ASP A 757 -16.34 2.71 -20.14
N GLU A 758 -15.35 3.50 -20.54
CA GLU A 758 -14.19 2.97 -21.25
C GLU A 758 -12.89 3.41 -20.58
N VAL A 759 -11.93 2.49 -20.50
CA VAL A 759 -10.64 2.74 -19.89
C VAL A 759 -9.57 2.84 -20.98
N VAL A 760 -9.52 3.97 -21.69
CA VAL A 760 -8.45 4.21 -22.65
C VAL A 760 -7.12 4.18 -21.92
N GLN A 761 -6.15 3.44 -22.47
CA GLN A 761 -4.84 3.27 -21.85
C GLN A 761 -3.74 3.74 -22.79
N LEU A 762 -2.73 4.40 -22.21
CA LEU A 762 -1.65 5.02 -22.97
C LEU A 762 -0.34 4.31 -22.64
N TYR A 763 0.31 3.76 -23.67
CA TYR A 763 1.56 3.03 -23.52
C TYR A 763 2.63 3.71 -24.37
N VAL A 764 3.88 3.62 -23.93
CA VAL A 764 5.01 4.09 -24.72
C VAL A 764 6.02 2.97 -24.86
N SER A 765 6.78 3.03 -25.95
CA SER A 765 7.98 2.22 -26.15
C SER A 765 9.15 3.19 -26.31
N LEU A 766 10.17 3.03 -25.48
CA LEU A 766 11.30 3.95 -25.48
C LEU A 766 12.46 3.44 -26.33
N GLY A 767 12.17 2.76 -27.43
CA GLY A 767 13.23 2.17 -28.24
C GLY A 767 14.03 1.22 -27.38
N GLY A 768 15.35 1.42 -27.35
CA GLY A 768 16.21 0.89 -26.31
C GLY A 768 16.34 -0.62 -26.28
N PRO A 769 17.57 -1.11 -26.37
CA PRO A 769 17.77 -2.56 -26.41
C PRO A 769 17.34 -3.27 -25.15
N ASP A 770 17.36 -2.57 -24.02
CA ASP A 770 17.04 -3.14 -22.72
C ASP A 770 15.64 -2.75 -22.24
N ASP A 771 14.89 -2.01 -23.05
CA ASP A 771 13.60 -1.47 -22.65
C ASP A 771 12.47 -2.47 -22.84
N PRO A 772 11.39 -2.31 -22.10
CA PRO A 772 10.17 -3.06 -22.39
C PRO A 772 9.63 -2.73 -23.77
N LYS A 773 8.76 -3.61 -24.27
CA LYS A 773 8.10 -3.33 -25.54
C LYS A 773 7.06 -2.23 -25.34
N VAL A 774 6.33 -2.27 -24.22
CA VAL A 774 5.36 -1.23 -23.89
C VAL A 774 5.39 -0.99 -22.38
N MET A 775 5.25 0.27 -22.00
CA MET A 775 5.10 0.65 -20.58
C MET A 775 3.91 1.58 -20.46
N LEU A 776 3.02 1.27 -19.53
CA LEU A 776 1.89 2.15 -19.28
C LEU A 776 2.39 3.47 -18.72
N ARG A 777 1.79 4.57 -19.18
CA ARG A 777 2.20 5.91 -18.79
C ARG A 777 1.04 6.87 -18.53
N ASP A 778 -0.17 6.56 -18.98
CA ASP A 778 -1.37 7.34 -18.69
C ASP A 778 -2.59 6.46 -18.99
N PHE A 779 -3.73 6.89 -18.48
CA PHE A 779 -5.00 6.21 -18.70
C PHE A 779 -6.11 7.15 -18.29
N ALA A 780 -7.32 6.85 -18.75
CA ALA A 780 -8.47 7.66 -18.41
C ALA A 780 -9.71 6.79 -18.48
N ARG A 781 -10.66 7.03 -17.59
CA ARG A 781 -11.94 6.33 -17.57
C ARG A 781 -13.02 7.31 -18.00
N LEU A 782 -13.61 7.07 -19.17
CA LEU A 782 -14.62 7.96 -19.73
C LEU A 782 -15.97 7.28 -19.76
N HIS A 783 -17.03 8.06 -19.49
CA HIS A 783 -18.41 7.58 -19.61
C HIS A 783 -18.98 8.07 -20.93
N ILE A 784 -19.39 7.14 -21.79
CA ILE A 784 -19.87 7.47 -23.12
C ILE A 784 -21.25 6.87 -23.32
N LYS A 785 -22.19 7.68 -23.81
CA LYS A 785 -23.53 7.23 -24.12
C LYS A 785 -23.56 6.55 -25.49
N PRO A 786 -24.56 5.71 -25.76
CA PRO A 786 -24.46 4.81 -26.93
C PRO A 786 -24.12 5.51 -28.24
N GLY A 787 -24.78 6.59 -28.57
CA GLY A 787 -24.38 7.16 -29.85
C GLY A 787 -23.15 8.05 -29.81
N GLU A 788 -22.56 8.25 -28.64
CA GLU A 788 -21.73 9.43 -28.39
C GLU A 788 -20.28 9.20 -28.83
N THR A 789 -19.60 10.31 -29.16
CA THR A 789 -18.16 10.34 -29.31
C THR A 789 -17.55 11.30 -28.29
N VAL A 790 -16.35 10.96 -27.81
CA VAL A 790 -15.73 11.60 -26.66
C VAL A 790 -14.25 11.81 -26.95
N LYS A 791 -13.72 12.97 -26.60
CA LYS A 791 -12.30 13.23 -26.79
C LYS A 791 -11.52 12.79 -25.56
N PHE A 792 -10.67 11.79 -25.73
CA PHE A 792 -9.70 11.42 -24.71
C PHE A 792 -8.43 12.22 -24.94
N GLU A 793 -7.87 12.78 -23.88
CA GLU A 793 -6.53 13.32 -23.95
C GLU A 793 -5.68 12.72 -22.84
N GLY A 794 -4.44 12.38 -23.21
CA GLY A 794 -3.43 11.98 -22.25
C GLY A 794 -2.25 12.92 -22.34
N LYS A 795 -1.35 12.80 -21.37
CA LYS A 795 -0.14 13.61 -21.29
C LYS A 795 1.06 12.71 -21.11
N LEU A 796 2.18 13.09 -21.71
CA LEU A 796 3.47 12.46 -21.45
C LEU A 796 4.42 13.50 -20.88
N THR A 797 5.00 13.19 -19.72
CA THR A 797 5.94 14.09 -19.06
C THR A 797 7.38 13.71 -19.41
N ARG A 798 8.31 14.63 -19.09
CA ARG A 798 9.73 14.36 -19.33
C ARG A 798 10.18 13.10 -18.61
N ARG A 799 9.65 12.87 -17.40
CA ARG A 799 9.91 11.60 -16.73
C ARG A 799 9.33 10.44 -17.52
N ASP A 800 8.11 10.60 -18.02
CA ASP A 800 7.41 9.52 -18.73
C ASP A 800 8.27 8.92 -19.84
N LEU A 801 9.17 9.73 -20.43
CA LEU A 801 9.99 9.30 -21.57
C LEU A 801 11.44 9.10 -21.20
N SER A 802 11.75 8.93 -19.93
CA SER A 802 13.14 8.99 -19.48
C SER A 802 13.65 7.64 -19.00
N THR A 803 14.98 7.53 -18.98
CA THR A 803 15.74 6.41 -18.44
C THR A 803 16.71 6.97 -17.40
N TRP A 804 16.94 6.22 -16.32
CA TRP A 804 17.80 6.66 -15.22
C TRP A 804 19.24 6.29 -15.52
N ASP A 805 20.05 7.28 -15.92
CA ASP A 805 21.47 7.08 -16.13
C ASP A 805 22.20 7.06 -14.79
N VAL A 806 23.02 6.04 -14.56
CA VAL A 806 23.71 5.92 -13.28
C VAL A 806 25.06 6.64 -13.30
N THR A 807 25.72 6.72 -14.46
CA THR A 807 26.90 7.55 -14.58
C THR A 807 26.55 9.02 -14.35
N LEU A 808 25.50 9.51 -15.02
CA LEU A 808 25.08 10.89 -14.87
C LEU A 808 24.40 11.12 -13.52
N GLN A 809 23.67 10.12 -13.04
CA GLN A 809 22.88 10.19 -11.80
C GLN A 809 21.69 11.14 -11.94
N ASP A 810 21.03 11.07 -13.10
CA ASP A 810 19.86 11.89 -13.38
C ASP A 810 18.96 11.11 -14.35
N TRP A 811 17.92 11.77 -14.85
CA TRP A 811 17.06 11.23 -15.89
C TRP A 811 17.44 11.82 -17.25
N VAL A 812 17.48 10.97 -18.26
CA VAL A 812 17.77 11.40 -19.63
C VAL A 812 16.68 10.89 -20.55
N ILE A 813 16.59 11.50 -21.72
CA ILE A 813 15.74 11.01 -22.80
C ILE A 813 16.69 10.62 -23.94
N ARG A 814 17.01 9.33 -24.01
CA ARG A 814 17.96 8.82 -24.98
C ARG A 814 17.43 8.99 -26.41
N ASP A 815 18.33 8.83 -27.38
CA ASP A 815 17.97 9.01 -28.79
C ASP A 815 17.71 7.67 -29.45
N HIS A 816 16.65 7.01 -28.99
CA HIS A 816 16.09 5.83 -29.63
C HIS A 816 14.72 6.17 -30.21
N THR A 817 14.40 5.49 -31.30
CA THR A 817 13.06 5.57 -31.88
C THR A 817 12.01 5.30 -30.80
N LYS A 818 11.12 6.26 -30.58
CA LYS A 818 10.12 6.13 -29.53
C LYS A 818 8.70 6.29 -30.07
N MET A 819 7.77 5.50 -29.51
CA MET A 819 6.40 5.39 -30.00
C MET A 819 5.40 5.45 -28.85
N VAL A 820 4.19 5.93 -29.15
CA VAL A 820 3.07 5.93 -28.22
C VAL A 820 1.93 5.11 -28.81
N PHE A 821 1.25 4.32 -27.97
CA PHE A 821 0.13 3.51 -28.40
C PHE A 821 -1.06 3.71 -27.47
N LEU A 822 -2.25 3.69 -28.06
CA LEU A 822 -3.52 3.67 -27.33
C LEU A 822 -4.18 2.32 -27.52
N GLY A 823 -4.60 1.70 -26.42
CA GLY A 823 -5.18 0.38 -26.49
C GLY A 823 -6.33 0.21 -25.52
N LYS A 824 -7.10 -0.86 -25.76
CA LYS A 824 -8.09 -1.33 -24.82
C LYS A 824 -7.49 -2.24 -23.75
N SER A 825 -6.17 -2.48 -23.82
CA SER A 825 -5.44 -3.30 -22.88
C SER A 825 -3.93 -3.20 -23.14
N SER A 826 -3.12 -3.93 -22.36
CA SER A 826 -1.68 -3.98 -22.60
C SER A 826 -1.35 -4.46 -24.01
N ARG A 827 -2.23 -5.26 -24.62
CA ARG A 827 -1.94 -5.93 -25.87
C ARG A 827 -2.86 -5.52 -27.00
N LYS A 828 -4.10 -5.19 -26.69
CA LYS A 828 -5.08 -4.76 -27.67
C LYS A 828 -4.86 -3.27 -27.99
N LEU A 829 -3.72 -3.01 -28.64
CA LEU A 829 -3.33 -1.65 -29.00
C LEU A 829 -3.84 -1.32 -30.39
N VAL A 830 -4.72 -0.33 -30.49
CA VAL A 830 -5.41 -0.07 -31.75
C VAL A 830 -4.90 1.17 -32.48
N LEU A 831 -4.28 2.12 -31.79
CA LEU A 831 -3.73 3.32 -32.41
C LEU A 831 -2.30 3.49 -31.97
N GLY A 832 -1.44 3.88 -32.90
CA GLY A 832 -0.04 4.11 -32.59
C GLY A 832 0.56 5.16 -33.49
N ALA A 833 1.49 5.94 -32.94
CA ALA A 833 2.16 6.95 -33.74
C ALA A 833 3.58 7.14 -33.24
N LEU A 834 4.40 7.72 -34.11
CA LEU A 834 5.78 8.01 -33.76
C LEU A 834 5.88 9.31 -32.99
N LEU A 835 6.55 9.27 -31.84
CA LEU A 835 6.77 10.47 -31.04
C LEU A 835 7.94 11.24 -31.63
N ASN A 836 7.66 12.44 -32.15
CA ASN A 836 8.62 13.21 -32.92
C ASN A 836 9.27 14.30 -32.10
#